data_3LX9
#
_entry.id   3LX9
#
_cell.length_a   89.947
_cell.length_b   139.492
_cell.length_c   182.580
_cell.angle_alpha   90.000
_cell.angle_beta   90.000
_cell.angle_gamma   90.000
#
_symmetry.space_group_name_H-M   'C 2 2 21'
#
loop_
_entity.id
_entity.type
_entity.pdbx_description
1 polymer 'Alpha-galactosidase A'
2 branched alpha-D-mannopyranose-(1-3)-beta-D-mannopyranose-(1-4)-2-acetamido-2-deoxy-beta-D-glucopyranose-(1-4)-2-acetamido-2-deoxy-beta-D-glucopyranose
3 branched alpha-D-mannopyranose-(1-3)-beta-D-mannopyranose-(1-4)-2-acetamido-2-deoxy-beta-D-glucopyranose-(1-4)-[alpha-L-fucopyranose-(1-3)]2-acetamido-2-deoxy-beta-D-glucopyranose
4 branched beta-D-mannopyranose-(1-4)-2-acetamido-2-deoxy-beta-D-glucopyranose-(1-4)-2-acetamido-2-deoxy-beta-D-glucopyranose
5 non-polymer 2-acetamido-2-deoxy-beta-D-glucopyranose
6 non-polymer 2-acetamido-2-deoxy-alpha-D-galactopyranose
7 water water
#
_entity_poly.entity_id   1
_entity_poly.type   'polypeptide(L)'
_entity_poly.pdbx_seq_one_letter_code
;LDNGLARTPTMGWLHWERFMCNLDCQEEPDSCISEKLFMEMAELMVSEGWKDAGYEYLCIDDCWMAPQRDSEGRLQADPQ
RFPHGIRQLANYVHSKGLKLGIYADVGNKTCAGFPGSFGYYDIDAQTFADWGVDLLKFDGCYCDSLENLADGYKHMSLAL
NRTGRSIVYSCSWPAYMWPFQKPNYTEIRQYCNHWRNFADIDDSWKSIKSILDWTSFNQERIVDVAGPGGWNDPDMLVIG
NFGLSWNQQVTQMALWAIMAAPLFMSNDLRHISPQAKALLQDKDVIAINQDPLGKQGYQLRQGDNFEVWERPLSGLAWAV
AMINRQEIGGPRSYTIAVASLGKGVACNPACFITQLLPVKRKLGFYEWTSRLRSHINPTGTVLLQLENTMQMSLKDLLHH
HHHH
;
_entity_poly.pdbx_strand_id   A,B
#
# COMPACT_ATOMS: atom_id res chain seq x y z
N LEU A 1 -8.51 21.72 26.82
CA LEU A 1 -9.32 22.97 26.97
C LEU A 1 -10.55 22.68 27.80
N ASP A 2 -10.79 23.51 28.82
CA ASP A 2 -11.83 23.26 29.81
C ASP A 2 -13.16 23.87 29.38
N ASN A 3 -13.67 23.42 28.24
CA ASN A 3 -14.91 23.96 27.69
C ASN A 3 -16.04 22.92 27.68
N GLY A 4 -15.82 21.80 28.36
CA GLY A 4 -16.81 20.72 28.42
C GLY A 4 -16.95 19.90 27.14
N LEU A 5 -16.10 20.16 26.16
CA LEU A 5 -16.20 19.50 24.85
C LEU A 5 -15.07 18.49 24.67
N ALA A 6 -15.25 17.59 23.72
CA ALA A 6 -14.24 16.60 23.38
C ALA A 6 -13.83 15.77 24.59
N ARG A 7 -14.81 15.33 25.37
CA ARG A 7 -14.57 14.48 26.54
C ARG A 7 -14.10 13.11 26.10
N THR A 8 -14.51 12.72 24.89
CA THR A 8 -13.89 11.62 24.15
C THR A 8 -13.34 12.22 22.85
N PRO A 9 -12.41 11.52 22.18
CA PRO A 9 -11.90 12.06 20.91
C PRO A 9 -13.02 12.38 19.94
N THR A 10 -12.95 13.57 19.32
CA THR A 10 -13.95 14.01 18.35
C THR A 10 -14.02 13.03 17.19
N MET A 11 -15.24 12.69 16.78
CA MET A 11 -15.46 11.82 15.64
C MET A 11 -16.22 12.57 14.56
N GLY A 12 -15.80 12.38 13.31
CA GLY A 12 -16.43 13.08 12.20
C GLY A 12 -15.80 12.82 10.85
N TRP A 13 -16.08 13.74 9.93
CA TRP A 13 -15.63 13.65 8.54
C TRP A 13 -14.98 14.98 8.18
N LEU A 14 -13.86 14.92 7.46
CA LEU A 14 -13.08 16.09 7.07
C LEU A 14 -12.65 15.92 5.63
N HIS A 15 -12.93 16.90 4.78
CA HIS A 15 -12.84 16.70 3.33
C HIS A 15 -11.42 16.64 2.76
N TRP A 16 -10.42 17.06 3.53
CA TRP A 16 -9.14 17.45 2.94
C TRP A 16 -8.39 16.37 2.16
N GLU A 17 -8.12 15.24 2.78
CA GLU A 17 -7.28 14.22 2.14
C GLU A 17 -7.88 13.75 0.82
N ARG A 18 -9.19 13.46 0.82
CA ARG A 18 -9.85 12.91 -0.35
C ARG A 18 -10.18 13.96 -1.42
N PHE A 19 -10.61 15.16 -1.00
CA PHE A 19 -11.08 16.17 -1.95
C PHE A 19 -10.16 17.39 -2.11
N MET A 20 -9.37 17.70 -1.08
CA MET A 20 -8.31 18.71 -1.18
C MET A 20 -8.85 20.10 -1.55
N CYS A 21 -8.23 20.76 -2.53
CA CYS A 21 -8.57 22.13 -2.90
C CYS A 21 -9.08 22.20 -4.33
N ASN A 22 -10.05 21.34 -4.64
CA ASN A 22 -10.64 21.27 -5.97
C ASN A 22 -11.67 22.39 -6.15
N LEU A 23 -11.28 23.43 -6.89
CA LEU A 23 -12.14 24.59 -7.15
C LEU A 23 -12.86 24.52 -8.50
N ASP A 24 -12.64 23.45 -9.25
CA ASP A 24 -13.16 23.35 -10.62
C ASP A 24 -14.53 22.65 -10.65
N CYS A 25 -15.58 23.42 -10.36
CA CYS A 25 -16.95 22.89 -10.39
C CYS A 25 -17.50 22.82 -11.82
N GLN A 26 -16.80 23.43 -12.77
CA GLN A 26 -17.14 23.32 -14.19
C GLN A 26 -16.90 21.88 -14.67
N GLU A 27 -15.65 21.41 -14.54
CA GLU A 27 -15.26 20.07 -14.98
C GLU A 27 -15.62 18.97 -13.98
N GLU A 28 -15.56 19.28 -12.69
CA GLU A 28 -15.77 18.28 -11.64
C GLU A 28 -16.75 18.75 -10.58
N PRO A 29 -18.03 18.93 -10.96
CA PRO A 29 -19.04 19.46 -10.04
C PRO A 29 -19.32 18.54 -8.83
N ASP A 30 -19.05 17.25 -8.97
CA ASP A 30 -19.35 16.29 -7.91
C ASP A 30 -18.18 16.06 -6.96
N SER A 31 -17.03 16.66 -7.23
CA SER A 31 -15.88 16.54 -6.33
C SER A 31 -15.25 17.88 -5.91
N CYS A 32 -15.69 18.99 -6.50
CA CYS A 32 -15.18 20.31 -6.11
C CYS A 32 -15.69 20.66 -4.72
N ILE A 33 -14.94 21.53 -4.02
CA ILE A 33 -15.31 21.93 -2.67
C ILE A 33 -16.48 22.92 -2.74
N SER A 34 -17.68 22.43 -2.46
CA SER A 34 -18.91 23.20 -2.60
C SER A 34 -19.89 22.84 -1.49
N GLU A 35 -20.89 23.69 -1.29
CA GLU A 35 -21.97 23.41 -0.34
C GLU A 35 -22.69 22.10 -0.68
N LYS A 36 -22.76 21.76 -1.96
CA LYS A 36 -23.41 20.52 -2.38
C LYS A 36 -22.67 19.29 -1.88
N LEU A 37 -21.34 19.34 -1.91
CA LEU A 37 -20.52 18.23 -1.43
C LEU A 37 -20.83 17.93 0.03
N PHE A 38 -20.85 18.97 0.85
CA PHE A 38 -21.08 18.81 2.29
C PHE A 38 -22.51 18.41 2.64
N MET A 39 -23.49 18.92 1.89
CA MET A 39 -24.88 18.53 2.09
C MET A 39 -25.09 17.05 1.78
N GLU A 40 -24.45 16.56 0.72
CA GLU A 40 -24.52 15.14 0.35
C GLU A 40 -23.89 14.25 1.43
N MET A 41 -22.73 14.66 1.95
CA MET A 41 -22.06 13.91 3.00
C MET A 41 -22.89 13.87 4.29
N ALA A 42 -23.50 15.00 4.64
CA ALA A 42 -24.36 15.08 5.82
C ALA A 42 -25.55 14.13 5.71
N GLU A 43 -26.16 14.07 4.52
CA GLU A 43 -27.26 13.14 4.27
C GLU A 43 -26.81 11.70 4.49
N LEU A 44 -25.66 11.35 3.92
CA LEU A 44 -25.12 9.99 4.02
C LEU A 44 -24.65 9.66 5.44
N MET A 45 -24.14 10.66 6.16
CA MET A 45 -23.72 10.45 7.54
C MET A 45 -24.86 9.93 8.42
N VAL A 46 -26.07 10.40 8.15
CA VAL A 46 -27.27 9.90 8.82
C VAL A 46 -27.72 8.56 8.23
N SER A 47 -27.97 8.54 6.91
CA SER A 47 -28.60 7.39 6.26
C SER A 47 -27.75 6.11 6.21
N GLU A 48 -26.43 6.27 6.23
CA GLU A 48 -25.53 5.11 6.19
C GLU A 48 -24.92 4.75 7.56
N GLY A 49 -25.56 5.22 8.63
CA GLY A 49 -25.21 4.78 9.98
C GLY A 49 -23.97 5.39 10.62
N TRP A 50 -23.35 6.36 9.96
CA TRP A 50 -22.13 6.99 10.50
C TRP A 50 -22.40 7.76 11.79
N LYS A 51 -23.48 8.52 11.82
CA LYS A 51 -23.86 9.28 13.00
C LYS A 51 -24.14 8.34 14.18
N ASP A 52 -24.85 7.25 13.92
CA ASP A 52 -25.13 6.23 14.94
C ASP A 52 -23.85 5.60 15.50
N ALA A 53 -22.85 5.44 14.64
CA ALA A 53 -21.56 4.89 15.05
C ALA A 53 -20.76 5.87 15.91
N GLY A 54 -21.09 7.17 15.81
CA GLY A 54 -20.44 8.22 16.60
C GLY A 54 -19.91 9.40 15.81
N TYR A 55 -19.86 9.27 14.48
CA TYR A 55 -19.33 10.34 13.62
C TYR A 55 -20.36 11.46 13.50
N GLU A 56 -20.08 12.58 14.18
CA GLU A 56 -21.05 13.67 14.30
C GLU A 56 -20.60 15.00 13.71
N TYR A 57 -19.30 15.27 13.68
CA TYR A 57 -18.80 16.53 13.12
C TYR A 57 -18.53 16.43 11.62
N LEU A 58 -19.32 17.16 10.83
CA LEU A 58 -19.08 17.31 9.40
C LEU A 58 -18.23 18.56 9.22
N CYS A 59 -16.99 18.36 8.81
CA CYS A 59 -15.99 19.43 8.85
C CYS A 59 -15.52 19.87 7.47
N ILE A 60 -15.56 21.19 7.25
CA ILE A 60 -14.99 21.84 6.08
C ILE A 60 -13.53 22.15 6.41
N ASP A 61 -12.63 21.78 5.51
CA ASP A 61 -11.22 22.12 5.62
C ASP A 61 -10.94 23.36 4.75
N ASP A 62 -9.72 23.49 4.23
CA ASP A 62 -9.30 24.70 3.49
C ASP A 62 -10.05 24.84 2.17
N CYS A 63 -9.99 26.04 1.59
CA CYS A 63 -10.56 26.35 0.26
C CYS A 63 -12.09 26.44 0.22
N TRP A 64 -12.68 26.94 1.29
CA TRP A 64 -14.11 27.29 1.32
C TRP A 64 -14.34 28.78 1.12
N MET A 65 -13.30 29.58 1.36
CA MET A 65 -13.43 31.04 1.42
C MET A 65 -13.39 31.69 0.05
N ALA A 66 -14.05 32.84 -0.07
CA ALA A 66 -13.84 33.72 -1.20
C ALA A 66 -12.46 34.34 -1.06
N PRO A 67 -11.88 34.85 -2.16
CA PRO A 67 -10.51 35.38 -2.11
C PRO A 67 -10.30 36.63 -1.25
N GLN A 68 -11.37 37.39 -0.98
CA GLN A 68 -11.30 38.63 -0.22
C GLN A 68 -12.30 38.64 0.93
N ARG A 69 -11.99 39.43 1.96
CA ARG A 69 -12.96 39.69 3.03
C ARG A 69 -14.01 40.68 2.53
N ASP A 70 -15.17 40.72 3.20
CA ASP A 70 -16.21 41.68 2.83
C ASP A 70 -15.87 43.07 3.36
N SER A 71 -16.74 44.04 3.11
CA SER A 71 -16.50 45.43 3.51
C SER A 71 -16.48 45.65 5.03
N GLU A 72 -17.04 44.70 5.77
CA GLU A 72 -16.98 44.72 7.24
C GLU A 72 -15.84 43.86 7.80
N GLY A 73 -14.90 43.47 6.93
CA GLY A 73 -13.72 42.72 7.35
C GLY A 73 -13.97 41.26 7.70
N ARG A 74 -15.09 40.70 7.23
CA ARG A 74 -15.41 39.29 7.50
C ARG A 74 -14.96 38.38 6.37
N LEU A 75 -14.61 37.15 6.73
CA LEU A 75 -14.44 36.07 5.76
C LEU A 75 -15.78 35.81 5.10
N GLN A 76 -15.75 35.48 3.82
CA GLN A 76 -16.96 35.11 3.09
C GLN A 76 -16.78 33.71 2.53
N ALA A 77 -17.87 32.95 2.49
CA ALA A 77 -17.91 31.72 1.73
C ALA A 77 -17.76 32.10 0.27
N ASP A 78 -17.13 31.23 -0.52
CA ASP A 78 -17.03 31.49 -1.94
C ASP A 78 -18.44 31.57 -2.52
N PRO A 79 -18.75 32.67 -3.23
CA PRO A 79 -20.12 32.91 -3.69
C PRO A 79 -20.62 31.95 -4.77
N GLN A 80 -19.73 31.40 -5.59
CA GLN A 80 -20.16 30.45 -6.63
C GLN A 80 -20.23 29.01 -6.08
N ARG A 81 -19.34 28.64 -5.18
CA ARG A 81 -19.33 27.29 -4.61
C ARG A 81 -20.16 27.11 -3.34
N PHE A 82 -20.38 28.21 -2.60
CA PHE A 82 -21.28 28.23 -1.46
C PHE A 82 -22.27 29.41 -1.57
N PRO A 83 -23.12 29.40 -2.62
CA PRO A 83 -24.01 30.55 -2.87
C PRO A 83 -25.06 30.80 -1.77
N HIS A 84 -25.44 29.77 -1.02
CA HIS A 84 -26.39 29.92 0.08
C HIS A 84 -25.72 30.25 1.42
N GLY A 85 -24.39 30.32 1.43
CA GLY A 85 -23.65 30.76 2.62
C GLY A 85 -23.48 29.69 3.69
N ILE A 86 -22.59 29.98 4.63
CA ILE A 86 -22.24 29.02 5.69
C ILE A 86 -23.37 28.84 6.70
N ARG A 87 -24.14 29.90 6.97
CA ARG A 87 -25.22 29.83 7.95
C ARG A 87 -26.27 28.80 7.55
N GLN A 88 -26.70 28.84 6.28
CA GLN A 88 -27.70 27.89 5.79
C GLN A 88 -27.15 26.45 5.79
N LEU A 89 -25.86 26.30 5.48
CA LEU A 89 -25.22 24.98 5.55
C LEU A 89 -25.20 24.48 6.99
N ALA A 90 -24.79 25.34 7.92
CA ALA A 90 -24.81 25.00 9.35
C ALA A 90 -26.22 24.59 9.79
N ASN A 91 -27.22 25.38 9.40
CA ASN A 91 -28.62 25.05 9.70
C ASN A 91 -29.03 23.69 9.12
N TYR A 92 -28.60 23.44 7.88
CA TYR A 92 -28.93 22.18 7.22
C TYR A 92 -28.30 21.00 7.97
N VAL A 93 -27.04 21.17 8.36
CA VAL A 93 -26.32 20.12 9.09
C VAL A 93 -26.92 19.93 10.49
N HIS A 94 -27.31 21.02 11.14
CA HIS A 94 -27.93 20.94 12.46
C HIS A 94 -29.26 20.21 12.40
N SER A 95 -29.99 20.37 11.29
CA SER A 95 -31.29 19.70 11.12
C SER A 95 -31.16 18.19 10.92
N LYS A 96 -29.94 17.69 10.70
CA LYS A 96 -29.69 16.25 10.62
C LYS A 96 -29.22 15.69 11.97
N GLY A 97 -29.05 16.55 12.95
CA GLY A 97 -28.48 16.18 14.23
C GLY A 97 -26.95 16.13 14.22
N LEU A 98 -26.36 16.71 13.18
CA LEU A 98 -24.90 16.74 13.02
C LEU A 98 -24.35 18.11 13.44
N LYS A 99 -23.03 18.19 13.56
CA LYS A 99 -22.34 19.43 13.92
C LYS A 99 -21.43 19.87 12.78
N LEU A 100 -21.30 21.19 12.58
CA LEU A 100 -20.51 21.73 11.47
C LEU A 100 -19.14 22.18 11.94
N GLY A 101 -18.09 21.68 11.28
CA GLY A 101 -16.72 22.17 11.51
C GLY A 101 -16.28 23.04 10.35
N ILE A 102 -15.37 23.97 10.61
CA ILE A 102 -14.84 24.86 9.58
C ILE A 102 -13.35 25.06 9.80
N TYR A 103 -12.70 25.67 8.82
CA TYR A 103 -11.25 25.84 8.81
C TYR A 103 -10.87 27.31 8.73
N ALA A 104 -9.81 27.67 9.46
CA ALA A 104 -9.20 28.99 9.34
C ALA A 104 -7.73 28.86 9.72
N ASP A 105 -7.00 29.96 9.65
CA ASP A 105 -5.55 29.91 9.81
C ASP A 105 -5.06 31.08 10.66
N VAL A 106 -4.13 30.79 11.56
CA VAL A 106 -3.62 31.78 12.50
C VAL A 106 -2.80 32.89 11.85
N GLY A 107 -2.27 32.63 10.66
CA GLY A 107 -1.42 33.57 9.95
C GLY A 107 -2.16 34.45 8.96
N ASN A 108 -1.41 34.97 7.98
CA ASN A 108 -1.97 35.90 7.00
C ASN A 108 -2.72 35.21 5.87
N LYS A 109 -2.41 33.94 5.64
CA LYS A 109 -3.07 33.15 4.62
C LYS A 109 -3.27 31.73 5.12
N THR A 110 -4.28 31.05 4.59
CA THR A 110 -4.43 29.61 4.80
C THR A 110 -3.34 28.92 4.01
N CYS A 111 -3.15 27.62 4.23
CA CYS A 111 -2.08 26.89 3.53
C CYS A 111 -2.32 26.86 2.01
N ALA A 112 -3.60 26.84 1.61
CA ALA A 112 -3.95 26.90 0.20
C ALA A 112 -3.95 28.32 -0.37
N GLY A 113 -3.64 29.32 0.47
CA GLY A 113 -3.42 30.69 0.01
C GLY A 113 -4.57 31.67 0.17
N PHE A 114 -5.65 31.25 0.82
CA PHE A 114 -6.84 32.08 1.03
C PHE A 114 -6.68 32.95 2.28
N PRO A 115 -7.63 33.88 2.52
CA PRO A 115 -7.45 34.81 3.63
C PRO A 115 -7.23 34.15 4.99
N GLY A 116 -6.16 34.56 5.66
CA GLY A 116 -5.85 34.11 7.02
C GLY A 116 -6.51 35.01 8.05
N SER A 117 -6.47 34.61 9.31
CA SER A 117 -7.20 35.30 10.37
C SER A 117 -6.37 36.26 11.21
N PHE A 118 -5.08 36.34 10.96
CA PHE A 118 -4.23 37.30 11.69
C PHE A 118 -4.78 38.71 11.54
N GLY A 119 -4.99 39.39 12.66
CA GLY A 119 -5.60 40.72 12.67
C GLY A 119 -7.12 40.71 12.65
N TYR A 120 -7.72 39.52 12.65
CA TYR A 120 -9.19 39.38 12.59
C TYR A 120 -9.71 38.26 13.51
N TYR A 121 -8.95 37.91 14.54
CA TYR A 121 -9.29 36.78 15.40
C TYR A 121 -10.68 36.94 16.04
N ASP A 122 -10.92 38.09 16.64
CA ASP A 122 -12.22 38.36 17.28
C ASP A 122 -13.34 38.35 16.23
N ILE A 123 -13.11 39.03 15.11
CA ILE A 123 -14.10 39.12 14.04
C ILE A 123 -14.46 37.74 13.50
N ASP A 124 -13.44 36.91 13.27
CA ASP A 124 -13.66 35.57 12.74
C ASP A 124 -14.33 34.64 13.76
N ALA A 125 -13.89 34.72 15.02
CA ALA A 125 -14.54 33.98 16.10
C ALA A 125 -16.02 34.35 16.16
N GLN A 126 -16.31 35.66 16.20
CA GLN A 126 -17.69 36.15 16.20
C GLN A 126 -18.47 35.68 14.98
N THR A 127 -17.83 35.71 13.81
CA THR A 127 -18.48 35.29 12.56
C THR A 127 -18.88 33.82 12.62
N PHE A 128 -17.94 32.96 13.01
CA PHE A 128 -18.20 31.53 13.10
C PHE A 128 -19.31 31.21 14.11
N ALA A 129 -19.26 31.85 15.28
CA ALA A 129 -20.29 31.67 16.30
C ALA A 129 -21.67 32.05 15.77
N ASP A 130 -21.75 33.21 15.12
CA ASP A 130 -23.00 33.70 14.53
C ASP A 130 -23.56 32.71 13.50
N TRP A 131 -22.68 32.17 12.66
CA TRP A 131 -23.08 31.17 11.65
C TRP A 131 -23.58 29.86 12.24
N GLY A 132 -23.20 29.56 13.47
CA GLY A 132 -23.55 28.30 14.11
C GLY A 132 -22.48 27.23 13.97
N VAL A 133 -21.22 27.65 13.79
CA VAL A 133 -20.10 26.72 13.70
C VAL A 133 -19.91 26.00 15.03
N ASP A 134 -19.59 24.71 14.96
CA ASP A 134 -19.44 23.87 16.15
C ASP A 134 -17.99 23.41 16.38
N LEU A 135 -17.15 23.57 15.36
CA LEU A 135 -15.74 23.21 15.47
C LEU A 135 -14.90 24.10 14.57
N LEU A 136 -13.75 24.53 15.07
CA LEU A 136 -12.80 25.28 14.25
C LEU A 136 -11.50 24.50 14.20
N LYS A 137 -11.07 24.12 12.99
CA LYS A 137 -9.71 23.66 12.78
C LYS A 137 -8.88 24.89 12.41
N PHE A 138 -7.86 25.17 13.21
CA PHE A 138 -7.10 26.41 13.11
C PHE A 138 -5.65 26.07 12.75
N ASP A 139 -5.26 26.44 11.53
CA ASP A 139 -3.99 26.02 10.95
C ASP A 139 -2.89 27.06 11.21
N GLY A 140 -1.64 26.66 11.01
CA GLY A 140 -0.49 27.49 11.38
C GLY A 140 0.36 28.00 10.23
N CYS A 141 -0.18 27.97 9.01
CA CYS A 141 0.56 28.43 7.82
C CYS A 141 0.76 29.94 7.81
N TYR A 142 1.76 30.38 7.03
CA TYR A 142 2.05 31.80 6.80
C TYR A 142 2.07 32.63 8.08
N CYS A 143 2.78 32.09 9.07
CA CYS A 143 3.03 32.79 10.33
C CYS A 143 4.53 33.09 10.40
N ASP A 144 4.86 34.36 10.56
CA ASP A 144 6.25 34.84 10.46
C ASP A 144 7.16 34.40 11.61
N SER A 145 6.59 34.04 12.75
CA SER A 145 7.36 33.58 13.90
C SER A 145 6.52 32.69 14.81
N LEU A 146 7.20 31.88 15.62
CA LEU A 146 6.54 30.98 16.56
C LEU A 146 5.90 31.74 17.73
N GLU A 147 6.43 32.91 18.07
CA GLU A 147 5.83 33.75 19.11
C GLU A 147 4.44 34.22 18.65
N ASN A 148 4.37 34.76 17.44
CA ASN A 148 3.10 35.15 16.83
C ASN A 148 2.15 33.96 16.68
N LEU A 149 2.72 32.80 16.36
CA LEU A 149 1.96 31.56 16.25
C LEU A 149 1.24 31.24 17.56
N ALA A 150 2.01 31.18 18.65
CA ALA A 150 1.46 30.87 19.98
C ALA A 150 0.44 31.91 20.43
N ASP A 151 0.78 33.18 20.28
CA ASP A 151 -0.14 34.28 20.64
C ASP A 151 -1.46 34.18 19.88
N GLY A 152 -1.37 33.88 18.59
CA GLY A 152 -2.56 33.77 17.76
C GLY A 152 -3.46 32.62 18.14
N TYR A 153 -2.87 31.48 18.49
CA TYR A 153 -3.64 30.33 18.95
C TYR A 153 -4.33 30.62 20.28
N LYS A 154 -3.63 31.29 21.18
CA LYS A 154 -4.20 31.68 22.48
C LYS A 154 -5.30 32.72 22.32
N HIS A 155 -5.07 33.70 21.44
CA HIS A 155 -6.03 34.79 21.19
C HIS A 155 -7.34 34.21 20.64
N MET A 156 -7.23 33.33 19.66
CA MET A 156 -8.41 32.74 19.03
C MET A 156 -9.18 31.85 20.00
N SER A 157 -8.45 31.14 20.87
CA SER A 157 -9.09 30.34 21.93
C SER A 157 -9.97 31.24 22.80
N LEU A 158 -9.39 32.33 23.28
CA LEU A 158 -10.11 33.29 24.11
C LEU A 158 -11.24 33.97 23.34
N ALA A 159 -11.01 34.26 22.06
CA ALA A 159 -12.03 34.87 21.21
C ALA A 159 -13.22 33.94 21.01
N LEU A 160 -12.93 32.67 20.76
CA LEU A 160 -13.98 31.66 20.66
C LEU A 160 -14.76 31.58 21.96
N ASN A 161 -14.03 31.59 23.08
CA ASN A 161 -14.65 31.52 24.39
C ASN A 161 -15.63 32.66 24.62
N ARG A 162 -15.21 33.88 24.29
CA ARG A 162 -16.03 35.08 24.49
C ARG A 162 -17.34 35.10 23.68
N THR A 163 -17.43 34.29 22.62
CA THR A 163 -18.66 34.19 21.86
C THR A 163 -19.77 33.55 22.70
N GLY A 164 -19.38 32.68 23.64
CA GLY A 164 -20.33 31.96 24.46
C GLY A 164 -20.84 30.68 23.82
N ARG A 165 -20.53 30.46 22.54
CA ARG A 165 -20.92 29.25 21.85
C ARG A 165 -19.88 28.14 22.06
N SER A 166 -20.37 26.93 22.31
CA SER A 166 -19.50 25.75 22.43
C SER A 166 -18.90 25.41 21.07
N ILE A 167 -17.60 25.59 20.93
CA ILE A 167 -16.91 25.30 19.69
C ILE A 167 -15.67 24.45 19.99
N VAL A 168 -15.60 23.26 19.40
CA VAL A 168 -14.41 22.42 19.51
C VAL A 168 -13.26 23.11 18.78
N TYR A 169 -12.13 23.25 19.47
CA TYR A 169 -11.01 24.02 18.94
C TYR A 169 -9.82 23.09 18.68
N SER A 170 -9.51 22.93 17.40
CA SER A 170 -8.46 22.02 16.94
C SER A 170 -7.28 22.86 16.49
N CYS A 171 -6.13 22.61 17.09
CA CYS A 171 -4.94 23.47 16.93
C CYS A 171 -3.80 22.72 16.27
N SER A 172 -3.31 23.25 15.16
CA SER A 172 -2.13 22.68 14.50
C SER A 172 -0.82 23.25 15.09
N TRP A 173 -0.98 24.14 16.05
CA TRP A 173 0.11 24.75 16.82
C TRP A 173 1.40 23.90 16.94
N PRO A 174 1.36 22.77 17.68
CA PRO A 174 2.63 22.06 17.89
C PRO A 174 3.27 21.47 16.63
N ALA A 175 2.47 21.11 15.63
CA ALA A 175 3.02 20.62 14.35
C ALA A 175 3.91 21.64 13.66
N TYR A 176 3.62 22.93 13.81
CA TYR A 176 4.45 24.00 13.22
C TYR A 176 5.64 24.40 14.10
N MET A 177 5.64 23.96 15.35
CA MET A 177 6.78 24.17 16.24
C MET A 177 7.86 23.12 15.99
N TRP A 178 7.42 21.88 15.76
CA TRP A 178 8.33 20.75 15.59
C TRP A 178 9.09 20.83 14.27
N PRO A 179 10.41 20.53 14.28
CA PRO A 179 11.28 20.22 15.40
C PRO A 179 12.10 21.44 15.87
N PHE A 180 11.57 22.64 15.66
CA PHE A 180 12.30 23.87 15.92
C PHE A 180 12.28 24.24 17.41
N GLN A 181 11.10 24.16 18.03
CA GLN A 181 10.93 24.41 19.46
C GLN A 181 10.18 23.26 20.12
N LYS A 182 10.42 23.04 21.41
CA LYS A 182 9.73 21.99 22.16
C LYS A 182 8.33 22.46 22.56
N PRO A 183 7.29 21.82 22.02
CA PRO A 183 5.96 22.24 22.48
C PRO A 183 5.77 22.01 23.99
N ASN A 184 5.07 22.94 24.63
CA ASN A 184 4.60 22.74 26.00
C ASN A 184 3.12 22.35 25.96
N TYR A 185 2.86 21.06 26.14
CA TYR A 185 1.51 20.53 25.95
C TYR A 185 0.54 20.91 27.08
N THR A 186 1.08 21.27 28.24
CA THR A 186 0.25 21.77 29.34
C THR A 186 -0.34 23.12 28.95
N GLU A 187 0.51 23.94 28.34
CA GLU A 187 0.09 25.23 27.78
C GLU A 187 -0.91 25.02 26.63
N ILE A 188 -0.58 24.10 25.72
CA ILE A 188 -1.42 23.87 24.55
C ILE A 188 -2.80 23.32 24.93
N ARG A 189 -2.82 22.33 25.83
CA ARG A 189 -4.07 21.76 26.34
C ARG A 189 -4.97 22.81 27.01
N GLN A 190 -4.37 23.80 27.66
CA GLN A 190 -5.12 24.88 28.29
C GLN A 190 -5.98 25.65 27.29
N TYR A 191 -5.50 25.75 26.04
CA TYR A 191 -6.18 26.53 25.02
C TYR A 191 -6.90 25.70 23.95
N CYS A 192 -6.56 24.42 23.80
CA CYS A 192 -7.07 23.59 22.68
C CYS A 192 -7.73 22.27 23.11
N ASN A 193 -8.72 21.83 22.33
CA ASN A 193 -9.38 20.54 22.52
C ASN A 193 -8.61 19.37 21.90
N HIS A 194 -7.96 19.63 20.78
CA HIS A 194 -6.96 18.69 20.26
C HIS A 194 -5.96 19.38 19.34
N TRP A 195 -4.89 18.68 19.00
CA TRP A 195 -3.79 19.30 18.30
C TRP A 195 -3.04 18.37 17.36
N ARG A 196 -2.87 18.83 16.13
CA ARG A 196 -2.03 18.13 15.16
C ARG A 196 -0.56 18.27 15.56
N ASN A 197 0.13 17.13 15.68
CA ASN A 197 1.54 17.08 16.06
C ASN A 197 2.51 16.93 14.90
N PHE A 198 2.06 16.34 13.80
CA PHE A 198 2.99 15.85 12.78
C PHE A 198 2.49 16.14 11.34
N ALA A 199 3.31 15.76 10.36
CA ALA A 199 3.03 16.03 8.94
C ALA A 199 1.69 15.47 8.46
N ASP A 200 1.17 16.11 7.40
CA ASP A 200 -0.10 15.71 6.79
C ASP A 200 -0.07 14.26 6.36
N ILE A 201 -1.12 13.53 6.71
CA ILE A 201 -1.29 12.17 6.23
C ILE A 201 -1.64 12.21 4.75
N ASP A 202 -1.27 11.17 4.02
CA ASP A 202 -1.78 10.98 2.66
C ASP A 202 -2.23 9.53 2.47
N ASP A 203 -2.65 9.19 1.26
CA ASP A 203 -3.25 7.89 0.99
C ASP A 203 -2.16 6.86 0.74
N SER A 204 -1.34 6.60 1.76
CA SER A 204 -0.22 5.68 1.62
C SER A 204 0.15 4.98 2.92
N TRP A 205 0.70 3.78 2.79
CA TRP A 205 1.20 3.01 3.93
C TRP A 205 2.44 3.69 4.48
N LYS A 206 3.28 4.24 3.61
CA LYS A 206 4.44 5.03 4.02
C LYS A 206 4.05 6.12 5.01
N SER A 207 2.99 6.85 4.70
CA SER A 207 2.50 7.92 5.56
C SER A 207 2.07 7.37 6.93
N ILE A 208 1.26 6.32 6.92
CA ILE A 208 0.79 5.68 8.16
C ILE A 208 1.96 5.23 9.04
N LYS A 209 2.94 4.58 8.43
CA LYS A 209 4.16 4.15 9.14
C LYS A 209 4.93 5.33 9.70
N SER A 210 5.02 6.40 8.90
CA SER A 210 5.69 7.61 9.32
C SER A 210 5.03 8.22 10.56
N ILE A 211 3.69 8.22 10.57
CA ILE A 211 2.94 8.80 11.69
C ILE A 211 3.07 7.92 12.94
N LEU A 212 2.98 6.60 12.77
CA LEU A 212 3.14 5.66 13.90
C LEU A 212 4.53 5.74 14.49
N ASP A 213 5.54 5.74 13.63
CA ASP A 213 6.93 5.79 14.07
C ASP A 213 7.27 7.11 14.74
N TRP A 214 6.72 8.20 14.22
CA TRP A 214 6.91 9.50 14.86
C TRP A 214 6.30 9.49 16.26
N THR A 215 5.08 8.95 16.37
CA THR A 215 4.36 8.92 17.64
C THR A 215 5.07 8.05 18.67
N SER A 216 5.45 6.84 18.29
CA SER A 216 6.15 5.95 19.22
C SER A 216 7.52 6.52 19.57
N PHE A 217 8.17 7.19 18.62
CA PHE A 217 9.45 7.83 18.90
C PHE A 217 9.28 8.96 19.93
N ASN A 218 8.13 9.63 19.90
CA ASN A 218 7.90 10.80 20.73
C ASN A 218 6.86 10.58 21.85
N GLN A 219 6.54 9.32 22.14
CA GLN A 219 5.43 8.99 23.05
C GLN A 219 5.68 9.46 24.49
N GLU A 220 6.94 9.45 24.91
CA GLU A 220 7.30 9.88 26.25
C GLU A 220 6.96 11.37 26.46
N ARG A 221 6.94 12.12 25.36
CA ARG A 221 6.66 13.54 25.37
C ARG A 221 5.16 13.85 25.31
N ILE A 222 4.40 13.05 24.56
CA ILE A 222 3.02 13.41 24.21
C ILE A 222 1.89 12.55 24.82
N VAL A 223 2.19 11.31 25.19
CA VAL A 223 1.14 10.38 25.65
C VAL A 223 0.42 10.84 26.92
N ASP A 224 1.17 11.29 27.92
CA ASP A 224 0.60 11.59 29.24
C ASP A 224 -0.31 12.83 29.26
N VAL A 225 -0.06 13.78 28.37
CA VAL A 225 -0.86 15.00 28.33
C VAL A 225 -2.26 14.78 27.75
N ALA A 226 -2.44 13.69 27.02
CA ALA A 226 -3.73 13.38 26.39
C ALA A 226 -4.77 12.97 27.43
N GLY A 227 -6.02 13.33 27.17
CA GLY A 227 -7.12 13.00 28.06
C GLY A 227 -8.39 13.76 27.71
N PRO A 228 -9.48 13.51 28.46
CA PRO A 228 -10.74 14.22 28.25
C PRO A 228 -10.53 15.72 27.99
N GLY A 229 -11.03 16.21 26.86
CA GLY A 229 -10.92 17.62 26.50
C GLY A 229 -9.61 18.07 25.87
N GLY A 230 -8.68 17.15 25.64
CA GLY A 230 -7.34 17.48 25.11
C GLY A 230 -6.62 16.29 24.49
N TRP A 231 -6.68 16.17 23.16
CA TRP A 231 -6.17 14.97 22.48
C TRP A 231 -5.03 15.25 21.49
N ASN A 232 -4.15 14.26 21.33
CA ASN A 232 -3.18 14.27 20.26
C ASN A 232 -3.89 13.89 18.95
N ASP A 233 -3.59 14.63 17.88
CA ASP A 233 -4.19 14.39 16.58
C ASP A 233 -3.10 13.91 15.60
N PRO A 234 -3.11 12.61 15.25
CA PRO A 234 -2.16 12.06 14.28
C PRO A 234 -2.67 12.18 12.83
N ASP A 235 -3.80 12.87 12.66
CA ASP A 235 -4.41 13.22 11.36
C ASP A 235 -5.47 12.20 10.90
N MET A 236 -6.03 12.45 9.72
CA MET A 236 -7.25 11.77 9.26
C MET A 236 -7.12 10.27 9.05
N LEU A 237 -8.25 9.58 9.21
CA LEU A 237 -8.39 8.21 8.74
C LEU A 237 -8.57 8.25 7.23
N VAL A 238 -7.75 7.48 6.51
CA VAL A 238 -7.79 7.46 5.05
C VAL A 238 -8.28 6.11 4.52
N ILE A 239 -8.92 5.35 5.41
CA ILE A 239 -9.55 4.08 5.07
C ILE A 239 -10.66 4.33 4.05
N GLY A 240 -10.80 3.42 3.10
CA GLY A 240 -11.86 3.51 2.09
C GLY A 240 -11.48 4.29 0.84
N ASN A 241 -10.21 4.70 0.73
CA ASN A 241 -9.73 5.42 -0.44
C ASN A 241 -8.97 4.49 -1.40
N PHE A 242 -7.70 4.78 -1.72
CA PHE A 242 -7.03 4.14 -2.87
C PHE A 242 -5.68 3.48 -2.62
N GLY A 243 -4.99 3.91 -1.57
CA GLY A 243 -3.56 3.61 -1.45
C GLY A 243 -3.19 2.60 -0.38
N LEU A 244 -4.17 2.08 0.35
CA LEU A 244 -3.91 1.12 1.42
C LEU A 244 -4.50 -0.24 1.09
N SER A 245 -3.73 -1.29 1.37
CA SER A 245 -4.25 -2.65 1.31
C SER A 245 -5.21 -2.83 2.50
N TRP A 246 -5.98 -3.92 2.48
CA TRP A 246 -6.91 -4.19 3.57
C TRP A 246 -6.20 -4.22 4.92
N ASN A 247 -5.08 -4.93 4.98
CA ASN A 247 -4.32 -5.07 6.22
C ASN A 247 -3.79 -3.74 6.77
N GLN A 248 -3.43 -2.84 5.86
CA GLN A 248 -2.94 -1.51 6.21
C GLN A 248 -4.06 -0.62 6.74
N GLN A 249 -5.27 -0.85 6.22
CA GLN A 249 -6.46 -0.14 6.71
C GLN A 249 -6.83 -0.62 8.11
N VAL A 250 -6.74 -1.93 8.34
CA VAL A 250 -6.98 -2.51 9.66
C VAL A 250 -5.96 -1.92 10.64
N THR A 251 -4.70 -1.85 10.22
CA THR A 251 -3.66 -1.27 11.05
C THR A 251 -4.01 0.16 11.45
N GLN A 252 -4.45 1.00 10.50
CA GLN A 252 -4.76 2.38 10.85
C GLN A 252 -5.91 2.46 11.85
N MET A 253 -6.97 1.71 11.61
CA MET A 253 -8.13 1.75 12.50
C MET A 253 -7.76 1.29 13.92
N ALA A 254 -6.99 0.21 14.00
CA ALA A 254 -6.56 -0.33 15.29
C ALA A 254 -5.69 0.66 16.07
N LEU A 255 -4.69 1.23 15.40
CA LEU A 255 -3.73 2.11 16.10
C LEU A 255 -4.32 3.48 16.46
N TRP A 256 -5.24 3.98 15.64
CA TRP A 256 -5.93 5.23 15.95
C TRP A 256 -6.85 5.06 17.17
N ALA A 257 -7.33 3.83 17.40
CA ALA A 257 -8.08 3.51 18.61
C ALA A 257 -7.14 3.46 19.81
N ILE A 258 -6.02 2.77 19.65
CA ILE A 258 -4.96 2.71 20.65
C ILE A 258 -4.46 4.11 21.04
N MET A 259 -4.35 5.00 20.04
CA MET A 259 -3.79 6.34 20.27
C MET A 259 -4.77 7.36 20.86
N ALA A 260 -6.04 6.98 21.05
CA ALA A 260 -7.05 7.93 21.52
C ALA A 260 -7.06 9.15 20.59
N ALA A 261 -7.08 8.86 19.30
CA ALA A 261 -7.03 9.87 18.26
C ALA A 261 -8.43 10.33 17.91
N PRO A 262 -8.58 11.61 17.56
CA PRO A 262 -9.81 11.99 16.91
C PRO A 262 -9.97 11.14 15.66
N LEU A 263 -11.20 10.76 15.35
CA LEU A 263 -11.47 9.92 14.18
C LEU A 263 -12.19 10.76 13.14
N PHE A 264 -11.40 11.52 12.38
CA PHE A 264 -11.90 12.27 11.25
C PHE A 264 -11.65 11.49 9.97
N MET A 265 -12.72 10.88 9.45
CA MET A 265 -12.66 10.21 8.17
C MET A 265 -12.40 11.26 7.09
N SER A 266 -11.59 10.91 6.11
CA SER A 266 -11.53 11.67 4.87
C SER A 266 -11.64 10.68 3.71
N ASN A 267 -12.83 10.62 3.14
CA ASN A 267 -13.15 9.66 2.11
C ASN A 267 -14.41 10.12 1.39
N ASP A 268 -14.86 9.32 0.43
CA ASP A 268 -16.10 9.64 -0.27
C ASP A 268 -17.20 8.72 0.23
N LEU A 269 -18.06 9.23 1.10
CA LEU A 269 -19.14 8.42 1.67
C LEU A 269 -20.14 7.96 0.61
N ARG A 270 -20.16 8.63 -0.54
CA ARG A 270 -21.00 8.23 -1.67
C ARG A 270 -20.45 6.97 -2.34
N HIS A 271 -19.14 6.76 -2.23
CA HIS A 271 -18.46 5.64 -2.89
C HIS A 271 -17.43 5.04 -1.96
N ILE A 272 -17.90 4.17 -1.07
CA ILE A 272 -17.03 3.49 -0.09
C ILE A 272 -17.45 2.03 -0.01
N SER A 273 -16.47 1.14 0.09
CA SER A 273 -16.74 -0.30 0.06
C SER A 273 -17.42 -0.76 1.35
N PRO A 274 -18.27 -1.81 1.27
CA PRO A 274 -18.87 -2.37 2.48
C PRO A 274 -17.85 -2.79 3.52
N GLN A 275 -16.69 -3.28 3.05
CA GLN A 275 -15.59 -3.69 3.92
C GLN A 275 -15.04 -2.50 4.70
N ALA A 276 -14.72 -1.42 3.97
CA ALA A 276 -14.23 -0.19 4.58
C ALA A 276 -15.27 0.38 5.55
N LYS A 277 -16.54 0.38 5.13
CA LYS A 277 -17.64 0.88 5.95
C LYS A 277 -17.77 0.12 7.26
N ALA A 278 -17.68 -1.21 7.18
CA ALA A 278 -17.77 -2.08 8.37
C ALA A 278 -16.61 -1.82 9.34
N LEU A 279 -15.41 -1.64 8.81
CA LEU A 279 -14.23 -1.39 9.66
C LEU A 279 -14.35 -0.05 10.40
N LEU A 280 -14.70 1.00 9.66
CA LEU A 280 -14.80 2.34 10.23
C LEU A 280 -15.94 2.46 11.23
N GLN A 281 -16.97 1.63 11.06
CA GLN A 281 -18.12 1.63 11.98
C GLN A 281 -18.03 0.52 13.03
N ASP A 282 -16.87 -0.13 13.15
CA ASP A 282 -16.69 -1.24 14.08
C ASP A 282 -16.93 -0.77 15.52
N LYS A 283 -18.04 -1.21 16.09
CA LYS A 283 -18.52 -0.74 17.40
C LYS A 283 -17.51 -0.99 18.53
N ASP A 284 -16.87 -2.16 18.51
CA ASP A 284 -15.91 -2.54 19.54
C ASP A 284 -14.62 -1.72 19.45
N VAL A 285 -14.16 -1.45 18.23
CA VAL A 285 -12.95 -0.67 18.03
C VAL A 285 -13.21 0.80 18.36
N ILE A 286 -14.36 1.32 17.92
CA ILE A 286 -14.78 2.68 18.28
C ILE A 286 -14.92 2.82 19.80
N ALA A 287 -15.44 1.80 20.45
CA ALA A 287 -15.56 1.79 21.91
C ALA A 287 -14.20 1.92 22.59
N ILE A 288 -13.16 1.32 22.02
CA ILE A 288 -11.81 1.48 22.55
C ILE A 288 -11.35 2.92 22.40
N ASN A 289 -11.45 3.44 21.17
CA ASN A 289 -11.09 4.82 20.89
C ASN A 289 -11.80 5.80 21.82
N GLN A 290 -13.10 5.58 22.00
CA GLN A 290 -13.97 6.45 22.78
C GLN A 290 -14.02 6.11 24.28
N ASP A 291 -13.10 5.29 24.76
CA ASP A 291 -13.10 4.91 26.17
C ASP A 291 -13.14 6.15 27.08
N PRO A 292 -14.08 6.19 28.05
CA PRO A 292 -14.28 7.38 28.89
C PRO A 292 -13.05 7.84 29.66
N LEU A 293 -12.16 6.92 29.99
CA LEU A 293 -10.96 7.22 30.76
C LEU A 293 -9.99 8.12 29.99
N GLY A 294 -9.96 7.95 28.67
CA GLY A 294 -9.17 8.80 27.80
C GLY A 294 -7.67 8.73 28.02
N LYS A 295 -7.16 7.55 28.36
CA LYS A 295 -5.73 7.36 28.51
C LYS A 295 -5.18 6.86 27.18
N GLN A 296 -4.31 7.66 26.58
CA GLN A 296 -3.72 7.32 25.29
C GLN A 296 -2.78 6.11 25.44
N GLY A 297 -2.85 5.21 24.48
CA GLY A 297 -1.96 4.06 24.44
C GLY A 297 -0.55 4.41 24.00
N TYR A 298 0.30 3.40 23.93
CA TYR A 298 1.72 3.62 23.66
C TYR A 298 2.33 2.34 23.10
N GLN A 299 3.54 2.47 22.58
CA GLN A 299 4.29 1.31 22.11
C GLN A 299 4.97 0.65 23.30
N LEU A 300 4.61 -0.62 23.55
CA LEU A 300 5.19 -1.40 24.64
C LEU A 300 6.50 -2.04 24.19
N ARG A 301 6.55 -2.57 22.98
CA ARG A 301 7.79 -3.14 22.48
C ARG A 301 7.92 -3.18 20.96
N GLN A 302 9.17 -3.16 20.51
CA GLN A 302 9.50 -3.32 19.11
C GLN A 302 10.77 -4.15 18.97
N GLY A 303 10.80 -4.98 17.93
CA GLY A 303 11.91 -5.89 17.69
C GLY A 303 11.48 -6.94 16.69
N ASP A 304 12.43 -7.42 15.87
CA ASP A 304 12.17 -8.46 14.87
C ASP A 304 11.01 -8.07 13.92
N ASN A 305 10.95 -6.79 13.58
CA ASN A 305 9.89 -6.24 12.73
C ASN A 305 8.47 -6.48 13.28
N PHE A 306 8.37 -6.54 14.60
CA PHE A 306 7.09 -6.59 15.28
C PHE A 306 6.97 -5.37 16.18
N GLU A 307 5.74 -4.92 16.39
CA GLU A 307 5.44 -3.88 17.36
C GLU A 307 4.28 -4.31 18.21
N VAL A 308 4.39 -4.13 19.52
CA VAL A 308 3.28 -4.32 20.42
C VAL A 308 2.92 -2.97 21.03
N TRP A 309 1.65 -2.57 20.87
CA TRP A 309 1.13 -1.36 21.51
C TRP A 309 0.03 -1.78 22.47
N GLU A 310 -0.15 -1.01 23.54
CA GLU A 310 -1.24 -1.25 24.46
C GLU A 310 -1.85 0.05 24.97
N ARG A 311 -3.13 -0.03 25.36
CA ARG A 311 -3.84 1.11 25.91
C ARG A 311 -4.65 0.69 27.14
N PRO A 312 -4.47 1.41 28.26
CA PRO A 312 -5.31 1.15 29.43
C PRO A 312 -6.71 1.67 29.21
N LEU A 313 -7.71 0.82 29.47
CA LEU A 313 -9.11 1.19 29.32
C LEU A 313 -9.78 1.24 30.70
N SER A 314 -11.02 1.73 30.72
CA SER A 314 -11.84 1.72 31.92
C SER A 314 -12.27 0.29 32.22
N GLY A 315 -12.75 0.06 33.44
CA GLY A 315 -13.22 -1.27 33.84
C GLY A 315 -12.11 -2.31 33.90
N LEU A 316 -10.90 -1.86 34.23
CA LEU A 316 -9.72 -2.73 34.33
C LEU A 316 -9.38 -3.49 33.03
N ALA A 317 -9.89 -3.02 31.90
CA ALA A 317 -9.64 -3.67 30.62
C ALA A 317 -8.46 -3.01 29.94
N TRP A 318 -7.87 -3.72 28.97
CA TRP A 318 -6.78 -3.18 28.15
C TRP A 318 -7.01 -3.53 26.69
N ALA A 319 -6.58 -2.65 25.80
CA ALA A 319 -6.51 -2.95 24.36
C ALA A 319 -5.04 -3.21 24.02
N VAL A 320 -4.80 -4.26 23.23
CA VAL A 320 -3.44 -4.59 22.81
C VAL A 320 -3.40 -4.75 21.30
N ALA A 321 -2.42 -4.11 20.68
CA ALA A 321 -2.25 -4.16 19.23
C ALA A 321 -0.89 -4.72 18.89
N MET A 322 -0.87 -5.71 18.00
CA MET A 322 0.37 -6.31 17.54
C MET A 322 0.50 -6.10 16.03
N ILE A 323 1.55 -5.41 15.62
CA ILE A 323 1.76 -5.06 14.21
C ILE A 323 2.93 -5.85 13.62
N ASN A 324 2.72 -6.40 12.43
CA ASN A 324 3.79 -7.04 11.66
C ASN A 324 4.30 -6.07 10.59
N ARG A 325 5.51 -5.56 10.80
CA ARG A 325 6.13 -4.58 9.91
C ARG A 325 7.05 -5.20 8.86
N GLN A 326 7.14 -6.52 8.81
CA GLN A 326 7.89 -7.19 7.74
C GLN A 326 7.00 -7.24 6.50
N GLU A 327 7.46 -6.61 5.42
CA GLU A 327 6.65 -6.43 4.21
C GLU A 327 7.07 -7.41 3.13
N ILE A 328 7.27 -8.66 3.54
CA ILE A 328 7.60 -9.74 2.65
C ILE A 328 7.19 -11.05 3.34
N GLY A 329 6.84 -12.06 2.56
CA GLY A 329 6.44 -13.35 3.12
C GLY A 329 4.96 -13.41 3.46
N GLY A 330 4.62 -14.26 4.43
CA GLY A 330 3.23 -14.50 4.80
C GLY A 330 2.97 -14.16 6.26
N PRO A 331 1.80 -14.58 6.77
CA PRO A 331 1.49 -14.34 8.18
C PRO A 331 2.59 -14.88 9.08
N ARG A 332 2.94 -14.12 10.11
CA ARG A 332 4.08 -14.44 10.94
C ARG A 332 3.63 -14.67 12.38
N SER A 333 4.17 -15.72 12.99
CA SER A 333 3.84 -16.07 14.36
C SER A 333 4.48 -15.08 15.35
N TYR A 334 3.72 -14.70 16.36
CA TYR A 334 4.23 -13.86 17.43
C TYR A 334 3.71 -14.36 18.78
N THR A 335 4.62 -14.47 19.75
CA THR A 335 4.26 -14.96 21.08
C THR A 335 4.72 -13.98 22.16
N ILE A 336 3.83 -13.70 23.11
CA ILE A 336 4.15 -12.79 24.20
C ILE A 336 3.56 -13.31 25.52
N ALA A 337 4.32 -13.15 26.60
CA ALA A 337 3.84 -13.50 27.93
C ALA A 337 2.82 -12.47 28.35
N VAL A 338 1.61 -12.90 28.72
CA VAL A 338 0.54 -11.98 29.10
C VAL A 338 0.87 -11.19 30.36
N ALA A 339 1.80 -11.70 31.17
CA ALA A 339 2.31 -10.95 32.33
C ALA A 339 3.07 -9.68 31.93
N SER A 340 3.49 -9.59 30.67
CA SER A 340 4.13 -8.38 30.13
C SER A 340 3.09 -7.33 29.73
N LEU A 341 1.86 -7.76 29.46
CA LEU A 341 0.80 -6.87 29.02
C LEU A 341 0.16 -6.14 30.19
N GLY A 342 -0.27 -4.90 29.95
CA GLY A 342 -0.98 -4.10 30.93
C GLY A 342 -0.22 -3.89 32.23
N LYS A 343 1.07 -3.63 32.12
CA LYS A 343 1.95 -3.41 33.27
C LYS A 343 1.87 -4.51 34.33
N GLY A 344 1.61 -5.74 33.89
CA GLY A 344 1.56 -6.90 34.77
C GLY A 344 0.26 -7.13 35.52
N VAL A 345 -0.68 -6.19 35.46
CA VAL A 345 -1.93 -6.30 36.21
C VAL A 345 -3.12 -6.73 35.35
N ALA A 346 -3.00 -6.58 34.03
CA ALA A 346 -4.10 -6.88 33.12
C ALA A 346 -4.60 -8.32 33.25
N CYS A 347 -3.68 -9.26 33.41
CA CYS A 347 -4.03 -10.68 33.45
C CYS A 347 -3.63 -11.36 34.76
N ASN A 348 -3.66 -10.58 35.84
CA ASN A 348 -3.36 -11.08 37.18
C ASN A 348 -4.66 -11.03 37.98
N PRO A 349 -5.21 -12.19 38.38
CA PRO A 349 -4.71 -13.56 38.23
C PRO A 349 -4.92 -14.15 36.84
N ALA A 350 -5.91 -13.65 36.12
CA ALA A 350 -6.16 -14.06 34.75
C ALA A 350 -6.85 -12.95 33.97
N CYS A 351 -6.97 -13.14 32.66
CA CYS A 351 -7.76 -12.24 31.83
C CYS A 351 -8.48 -13.05 30.76
N PHE A 352 -9.61 -12.52 30.29
CA PHE A 352 -10.27 -13.06 29.10
C PHE A 352 -9.90 -12.21 27.91
N ILE A 353 -9.37 -12.85 26.86
CA ILE A 353 -8.89 -12.15 25.69
C ILE A 353 -9.82 -12.35 24.50
N THR A 354 -10.24 -11.24 23.91
CA THR A 354 -11.09 -11.24 22.72
C THR A 354 -10.35 -10.52 21.60
N GLN A 355 -10.13 -11.22 20.49
CA GLN A 355 -9.58 -10.58 19.30
C GLN A 355 -10.70 -9.77 18.67
N LEU A 356 -10.37 -8.54 18.27
CA LEU A 356 -11.33 -7.66 17.59
C LEU A 356 -11.00 -7.49 16.11
N LEU A 357 -9.71 -7.38 15.78
CA LEU A 357 -9.27 -7.26 14.39
C LEU A 357 -8.12 -8.24 14.11
N PRO A 358 -8.04 -8.75 12.87
CA PRO A 358 -8.85 -8.40 11.69
C PRO A 358 -10.26 -8.98 11.69
N VAL A 359 -10.53 -9.95 12.57
CA VAL A 359 -11.88 -10.48 12.75
C VAL A 359 -12.14 -10.66 14.24
N LYS A 360 -13.42 -10.61 14.63
CA LYS A 360 -13.77 -10.78 16.03
C LYS A 360 -13.85 -12.26 16.39
N ARG A 361 -13.22 -12.63 17.51
CA ARG A 361 -13.18 -14.00 17.96
C ARG A 361 -12.72 -14.04 19.42
N LYS A 362 -13.48 -14.73 20.26
CA LYS A 362 -13.09 -14.96 21.65
C LYS A 362 -11.92 -15.94 21.67
N LEU A 363 -10.86 -15.59 22.41
CA LEU A 363 -9.68 -16.46 22.52
C LEU A 363 -9.66 -17.28 23.81
N GLY A 364 -10.41 -16.86 24.82
CA GLY A 364 -10.53 -17.61 26.07
C GLY A 364 -9.79 -16.98 27.23
N PHE A 365 -9.74 -17.72 28.34
CA PHE A 365 -9.07 -17.25 29.56
C PHE A 365 -7.58 -17.50 29.49
N TYR A 366 -6.80 -16.52 29.94
CA TYR A 366 -5.35 -16.63 30.02
C TYR A 366 -4.90 -16.33 31.43
N GLU A 367 -4.27 -17.31 32.08
CA GLU A 367 -3.71 -17.12 33.41
C GLU A 367 -2.48 -16.21 33.33
N TRP A 368 -2.09 -15.67 34.47
CA TRP A 368 -0.99 -14.70 34.54
C TRP A 368 0.34 -15.24 33.99
N THR A 369 0.57 -16.54 34.14
CA THR A 369 1.82 -17.17 33.72
C THR A 369 1.84 -17.62 32.25
N SER A 370 0.69 -17.54 31.58
CA SER A 370 0.55 -18.09 30.22
C SER A 370 1.10 -17.17 29.14
N ARG A 371 1.13 -17.69 27.91
CA ARG A 371 1.65 -16.99 26.74
C ARG A 371 0.56 -16.84 25.68
N LEU A 372 0.56 -15.71 25.00
CA LEU A 372 -0.38 -15.44 23.91
C LEU A 372 0.34 -15.62 22.58
N ARG A 373 -0.22 -16.47 21.73
CA ARG A 373 0.34 -16.73 20.39
C ARG A 373 -0.63 -16.19 19.34
N SER A 374 -0.09 -15.43 18.38
CA SER A 374 -0.90 -14.89 17.29
C SER A 374 -0.14 -15.00 15.97
N HIS A 375 -0.89 -15.00 14.88
CA HIS A 375 -0.33 -14.87 13.54
C HIS A 375 -0.80 -13.55 12.94
N ILE A 376 0.14 -12.76 12.43
CA ILE A 376 -0.15 -11.42 11.99
C ILE A 376 0.27 -11.25 10.53
N ASN A 377 -0.67 -10.84 9.68
CA ASN A 377 -0.39 -10.56 8.28
C ASN A 377 0.65 -9.47 8.12
N PRO A 378 1.47 -9.54 7.05
CA PRO A 378 2.38 -8.46 6.68
C PRO A 378 1.66 -7.11 6.55
N THR A 379 2.19 -6.09 7.23
CA THR A 379 1.58 -4.75 7.33
C THR A 379 0.22 -4.73 8.02
N GLY A 380 -0.16 -5.85 8.63
CA GLY A 380 -1.43 -5.98 9.33
C GLY A 380 -1.25 -5.82 10.83
N THR A 381 -2.38 -5.81 11.52
CA THR A 381 -2.42 -5.68 12.97
C THR A 381 -3.44 -6.64 13.53
N VAL A 382 -3.12 -7.24 14.66
CA VAL A 382 -4.08 -7.97 15.46
C VAL A 382 -4.43 -7.07 16.63
N LEU A 383 -5.72 -6.80 16.82
CA LEU A 383 -6.19 -5.99 17.94
C LEU A 383 -6.93 -6.87 18.92
N LEU A 384 -6.50 -6.82 20.17
CA LEU A 384 -7.06 -7.64 21.24
C LEU A 384 -7.61 -6.76 22.35
N GLN A 385 -8.69 -7.21 22.99
CA GLN A 385 -9.17 -6.58 24.22
C GLN A 385 -9.04 -7.57 25.38
N LEU A 386 -8.29 -7.15 26.41
CA LEU A 386 -8.07 -7.94 27.61
C LEU A 386 -9.07 -7.52 28.68
N GLU A 387 -9.67 -8.51 29.32
CA GLU A 387 -10.65 -8.28 30.39
C GLU A 387 -10.19 -9.02 31.64
N ASN A 388 -9.84 -8.28 32.69
CA ASN A 388 -9.37 -8.87 33.94
C ASN A 388 -10.51 -9.61 34.64
N THR A 389 -10.17 -10.68 35.35
CA THR A 389 -11.17 -11.56 35.98
C THR A 389 -11.63 -11.12 37.38
N MET A 390 -11.09 -10.02 37.90
CA MET A 390 -11.51 -9.50 39.21
C MET A 390 -12.98 -9.06 39.19
N GLN A 391 -13.38 -8.35 38.13
CA GLN A 391 -14.76 -7.89 37.98
C GLN A 391 -15.41 -8.48 36.74
N LEU B 1 18.78 -16.07 -25.65
CA LEU B 1 19.38 -17.44 -25.76
C LEU B 1 18.63 -18.21 -26.82
N ASP B 2 19.38 -18.75 -27.79
CA ASP B 2 18.80 -19.37 -28.98
C ASP B 2 18.52 -20.86 -28.76
N ASN B 3 17.70 -21.17 -27.75
CA ASN B 3 17.32 -22.55 -27.45
C ASN B 3 15.86 -22.86 -27.82
N GLY B 4 15.23 -21.95 -28.56
CA GLY B 4 13.84 -22.11 -28.96
C GLY B 4 12.81 -21.89 -27.86
N LEU B 5 13.27 -21.52 -26.67
CA LEU B 5 12.37 -21.36 -25.52
C LEU B 5 12.15 -19.88 -25.21
N ALA B 6 11.09 -19.61 -24.44
CA ALA B 6 10.75 -18.25 -24.04
C ALA B 6 10.60 -17.32 -25.25
N ARG B 7 9.87 -17.78 -26.26
CA ARG B 7 9.59 -16.95 -27.44
C ARG B 7 8.62 -15.83 -27.08
N THR B 8 7.88 -16.05 -25.98
CA THR B 8 7.16 -15.00 -25.26
C THR B 8 7.66 -15.07 -23.82
N PRO B 9 7.38 -14.04 -23.00
CA PRO B 9 7.88 -14.12 -21.60
C PRO B 9 7.33 -15.33 -20.84
N THR B 10 8.19 -15.95 -20.04
CA THR B 10 7.81 -17.14 -19.29
C THR B 10 6.74 -16.79 -18.26
N MET B 11 5.71 -17.63 -18.17
CA MET B 11 4.64 -17.45 -17.21
C MET B 11 4.61 -18.64 -16.24
N GLY B 12 4.50 -18.35 -14.95
CA GLY B 12 4.50 -19.41 -13.97
C GLY B 12 4.23 -18.94 -12.57
N TRP B 13 4.60 -19.79 -11.62
CA TRP B 13 4.49 -19.52 -10.20
C TRP B 13 5.84 -19.82 -9.57
N LEU B 14 6.23 -18.96 -8.62
CA LEU B 14 7.54 -19.05 -7.95
C LEU B 14 7.31 -18.79 -6.46
N HIS B 15 7.82 -19.67 -5.60
CA HIS B 15 7.43 -19.65 -4.19
C HIS B 15 8.02 -18.50 -3.38
N TRP B 16 9.11 -17.90 -3.85
CA TRP B 16 9.97 -17.10 -2.97
C TRP B 16 9.30 -15.97 -2.19
N GLU B 17 8.67 -15.02 -2.86
CA GLU B 17 8.18 -13.83 -2.17
C GLU B 17 7.18 -14.19 -1.06
N ARG B 18 6.23 -15.07 -1.37
CA ARG B 18 5.19 -15.41 -0.40
C ARG B 18 5.65 -16.39 0.68
N PHE B 19 6.42 -17.40 0.29
CA PHE B 19 6.77 -18.49 1.21
C PHE B 19 8.22 -18.50 1.71
N MET B 20 9.10 -17.83 0.99
CA MET B 20 10.48 -17.57 1.46
C MET B 20 11.26 -18.84 1.84
N CYS B 21 12.03 -18.77 2.92
CA CYS B 21 12.89 -19.88 3.34
C CYS B 21 12.36 -20.51 4.64
N ASN B 22 11.08 -20.89 4.62
CA ASN B 22 10.42 -21.44 5.79
C ASN B 22 10.73 -22.93 5.91
N LEU B 23 11.60 -23.29 6.86
CA LEU B 23 12.01 -24.68 7.06
C LEU B 23 11.26 -25.36 8.21
N ASP B 24 10.35 -24.65 8.85
CA ASP B 24 9.67 -25.16 10.06
C ASP B 24 8.38 -25.89 9.72
N CYS B 25 8.50 -27.15 9.29
CA CYS B 25 7.34 -27.96 8.97
C CYS B 25 6.68 -28.55 10.23
N GLN B 26 7.38 -28.49 11.36
CA GLN B 26 6.81 -28.84 12.65
C GLN B 26 5.63 -27.92 12.98
N GLU B 27 5.92 -26.62 13.06
CA GLU B 27 4.95 -25.62 13.47
C GLU B 27 4.06 -25.17 12.31
N GLU B 28 4.61 -25.15 11.10
CA GLU B 28 3.90 -24.58 9.94
C GLU B 28 3.99 -25.51 8.73
N PRO B 29 3.37 -26.70 8.82
CA PRO B 29 3.46 -27.69 7.75
C PRO B 29 2.79 -27.26 6.44
N ASP B 30 1.83 -26.35 6.51
CA ASP B 30 1.10 -25.93 5.32
C ASP B 30 1.75 -24.76 4.57
N SER B 31 2.81 -24.19 5.15
CA SER B 31 3.52 -23.08 4.51
C SER B 31 5.04 -23.27 4.43
N CYS B 32 5.58 -24.35 5.01
CA CYS B 32 7.01 -24.61 4.90
C CYS B 32 7.35 -25.09 3.49
N ILE B 33 8.61 -24.94 3.11
CA ILE B 33 9.05 -25.28 1.75
C ILE B 33 9.24 -26.79 1.64
N SER B 34 8.23 -27.46 1.08
CA SER B 34 8.19 -28.92 1.03
C SER B 34 7.56 -29.38 -0.27
N GLU B 35 7.67 -30.67 -0.56
CA GLU B 35 7.08 -31.25 -1.77
C GLU B 35 5.56 -31.09 -1.77
N LYS B 36 4.93 -31.15 -0.60
CA LYS B 36 3.48 -31.02 -0.48
C LYS B 36 2.99 -29.65 -0.93
N LEU B 37 3.75 -28.61 -0.58
CA LEU B 37 3.41 -27.24 -0.99
C LEU B 37 3.32 -27.13 -2.51
N PHE B 38 4.34 -27.63 -3.20
CA PHE B 38 4.40 -27.56 -4.66
C PHE B 38 3.38 -28.47 -5.33
N MET B 39 3.13 -29.63 -4.74
CA MET B 39 2.09 -30.53 -5.26
C MET B 39 0.71 -29.88 -5.18
N GLU B 40 0.43 -29.20 -4.07
CA GLU B 40 -0.83 -28.47 -3.92
C GLU B 40 -0.95 -27.33 -4.94
N MET B 41 0.11 -26.54 -5.08
CA MET B 41 0.13 -25.46 -6.08
C MET B 41 -0.08 -25.98 -7.50
N ALA B 42 0.58 -27.09 -7.84
CA ALA B 42 0.41 -27.72 -9.15
C ALA B 42 -1.05 -28.15 -9.40
N GLU B 43 -1.69 -28.68 -8.37
CA GLU B 43 -3.09 -29.10 -8.45
C GLU B 43 -3.99 -27.90 -8.74
N LEU B 44 -3.79 -26.82 -7.98
CA LEU B 44 -4.59 -25.61 -8.14
C LEU B 44 -4.30 -24.87 -9.44
N MET B 45 -3.07 -24.97 -9.94
CA MET B 45 -2.71 -24.33 -11.21
C MET B 45 -3.57 -24.90 -12.35
N VAL B 46 -3.87 -26.19 -12.28
CA VAL B 46 -4.78 -26.81 -13.24
C VAL B 46 -6.24 -26.48 -12.92
N SER B 47 -6.66 -26.76 -11.69
CA SER B 47 -8.07 -26.69 -11.33
C SER B 47 -8.64 -25.26 -11.31
N GLU B 48 -7.82 -24.28 -10.95
CA GLU B 48 -8.29 -22.89 -10.87
C GLU B 48 -7.99 -22.06 -12.12
N GLY B 49 -7.64 -22.72 -13.23
CA GLY B 49 -7.53 -22.04 -14.52
C GLY B 49 -6.23 -21.33 -14.79
N TRP B 50 -5.25 -21.47 -13.91
CA TRP B 50 -3.96 -20.78 -14.07
C TRP B 50 -3.23 -21.27 -15.32
N LYS B 51 -3.15 -22.59 -15.49
CA LYS B 51 -2.52 -23.17 -16.67
C LYS B 51 -3.24 -22.73 -17.95
N ASP B 52 -4.57 -22.71 -17.92
CA ASP B 52 -5.36 -22.22 -19.05
C ASP B 52 -5.02 -20.77 -19.41
N ALA B 53 -4.86 -19.93 -18.38
CA ALA B 53 -4.47 -18.52 -18.59
C ALA B 53 -3.07 -18.41 -19.20
N GLY B 54 -2.25 -19.43 -18.99
CA GLY B 54 -0.92 -19.51 -19.60
C GLY B 54 0.20 -19.74 -18.63
N TYR B 55 -0.10 -19.77 -17.33
CA TYR B 55 0.91 -20.01 -16.30
C TYR B 55 1.24 -21.50 -16.22
N GLU B 56 2.37 -21.89 -16.80
CA GLU B 56 2.72 -23.29 -16.94
C GLU B 56 3.95 -23.76 -16.15
N TYR B 57 4.75 -22.82 -15.65
CA TYR B 57 5.98 -23.16 -14.92
C TYR B 57 5.81 -23.06 -13.41
N LEU B 58 5.85 -24.21 -12.74
CA LEU B 58 5.81 -24.27 -11.29
C LEU B 58 7.25 -24.32 -10.80
N CYS B 59 7.69 -23.27 -10.11
CA CYS B 59 9.11 -23.07 -9.84
C CYS B 59 9.49 -23.07 -8.36
N ILE B 60 10.42 -23.95 -8.02
CA ILE B 60 11.02 -23.99 -6.69
C ILE B 60 12.13 -22.95 -6.66
N ASP B 61 12.08 -22.04 -5.68
CA ASP B 61 13.17 -21.11 -5.44
C ASP B 61 14.14 -21.74 -4.43
N ASP B 62 14.87 -20.90 -3.70
CA ASP B 62 15.91 -21.33 -2.78
C ASP B 62 15.31 -22.08 -1.57
N CYS B 63 16.16 -22.86 -0.90
CA CYS B 63 15.82 -23.60 0.34
C CYS B 63 15.07 -24.90 0.07
N TRP B 64 15.40 -25.55 -1.05
CA TRP B 64 14.90 -26.90 -1.34
C TRP B 64 15.97 -27.96 -1.06
N MET B 65 17.23 -27.53 -0.96
CA MET B 65 18.36 -28.45 -0.91
C MET B 65 18.61 -28.99 0.50
N ALA B 66 19.29 -30.13 0.55
CA ALA B 66 19.87 -30.64 1.79
C ALA B 66 21.09 -29.77 2.10
N PRO B 67 21.53 -29.76 3.37
CA PRO B 67 22.72 -28.97 3.71
C PRO B 67 23.99 -29.38 2.95
N GLN B 68 24.09 -30.65 2.57
CA GLN B 68 25.29 -31.16 1.89
C GLN B 68 24.96 -31.93 0.63
N ARG B 69 25.96 -32.05 -0.24
CA ARG B 69 25.85 -32.92 -1.41
C ARG B 69 26.00 -34.37 -0.97
N ASP B 70 25.48 -35.30 -1.79
CA ASP B 70 25.63 -36.73 -1.51
C ASP B 70 27.06 -37.19 -1.83
N SER B 71 27.33 -38.47 -1.65
CA SER B 71 28.69 -39.01 -1.81
C SER B 71 29.20 -39.00 -3.25
N GLU B 72 28.29 -38.80 -4.20
CA GLU B 72 28.67 -38.63 -5.61
C GLU B 72 28.75 -37.16 -6.05
N GLY B 73 28.72 -36.24 -5.09
CA GLY B 73 28.84 -34.80 -5.38
C GLY B 73 27.59 -34.17 -5.98
N ARG B 74 26.44 -34.80 -5.79
CA ARG B 74 25.19 -34.28 -6.32
C ARG B 74 24.46 -33.43 -5.28
N LEU B 75 23.75 -32.41 -5.75
CA LEU B 75 22.78 -31.71 -4.92
C LEU B 75 21.68 -32.68 -4.51
N GLN B 76 21.21 -32.56 -3.27
CA GLN B 76 20.11 -33.38 -2.77
C GLN B 76 18.94 -32.50 -2.38
N ALA B 77 17.73 -32.98 -2.65
CA ALA B 77 16.54 -32.38 -2.08
C ALA B 77 16.53 -32.71 -0.59
N ASP B 78 16.02 -31.79 0.24
CA ASP B 78 15.98 -32.04 1.68
C ASP B 78 15.23 -33.34 1.96
N PRO B 79 15.85 -34.26 2.71
CA PRO B 79 15.20 -35.55 2.95
C PRO B 79 13.89 -35.44 3.74
N GLN B 80 13.82 -34.54 4.72
CA GLN B 80 12.61 -34.38 5.53
C GLN B 80 11.48 -33.66 4.79
N ARG B 81 11.82 -32.64 3.99
CA ARG B 81 10.82 -31.80 3.32
C ARG B 81 10.49 -32.24 1.90
N PHE B 82 11.45 -32.88 1.23
CA PHE B 82 11.21 -33.51 -0.07
C PHE B 82 11.59 -34.98 -0.02
N PRO B 83 10.92 -35.77 0.85
CA PRO B 83 11.30 -37.17 1.07
C PRO B 83 11.22 -38.04 -0.18
N HIS B 84 10.35 -37.70 -1.13
CA HIS B 84 10.20 -38.47 -2.36
C HIS B 84 11.08 -37.96 -3.50
N GLY B 85 11.86 -36.91 -3.25
CA GLY B 85 12.81 -36.40 -4.23
C GLY B 85 12.21 -35.53 -5.34
N ILE B 86 13.07 -34.85 -6.07
CA ILE B 86 12.65 -33.91 -7.13
C ILE B 86 12.15 -34.60 -8.40
N ARG B 87 12.71 -35.76 -8.72
CA ARG B 87 12.27 -36.52 -9.90
C ARG B 87 10.78 -36.84 -9.80
N GLN B 88 10.35 -37.36 -8.66
CA GLN B 88 8.94 -37.66 -8.42
C GLN B 88 8.07 -36.41 -8.42
N LEU B 89 8.60 -35.30 -7.89
CA LEU B 89 7.90 -34.02 -7.95
C LEU B 89 7.77 -33.57 -9.41
N ALA B 90 8.88 -33.69 -10.15
CA ALA B 90 8.89 -33.35 -11.57
C ALA B 90 7.88 -34.19 -12.36
N ASN B 91 7.85 -35.49 -12.11
CA ASN B 91 6.89 -36.37 -12.78
C ASN B 91 5.43 -36.03 -12.45
N TYR B 92 5.18 -35.71 -11.18
CA TYR B 92 3.87 -35.27 -10.75
C TYR B 92 3.46 -33.98 -11.47
N VAL B 93 4.38 -33.02 -11.53
CA VAL B 93 4.13 -31.76 -12.20
C VAL B 93 3.89 -31.95 -13.69
N HIS B 94 4.71 -32.78 -14.34
CA HIS B 94 4.54 -33.09 -15.78
C HIS B 94 3.21 -33.80 -16.07
N SER B 95 2.74 -34.60 -15.11
CA SER B 95 1.48 -35.33 -15.27
C SER B 95 0.28 -34.38 -15.31
N LYS B 96 0.46 -33.17 -14.76
CA LYS B 96 -0.58 -32.13 -14.78
C LYS B 96 -0.50 -31.26 -16.05
N GLY B 97 0.46 -31.56 -16.94
CA GLY B 97 0.72 -30.71 -18.09
C GLY B 97 1.50 -29.45 -17.77
N LEU B 98 2.15 -29.44 -16.60
CA LEU B 98 2.92 -28.28 -16.15
C LEU B 98 4.41 -28.55 -16.33
N LYS B 99 5.22 -27.53 -16.03
CA LYS B 99 6.68 -27.64 -16.12
C LYS B 99 7.30 -27.25 -14.79
N LEU B 100 8.38 -27.94 -14.41
CA LEU B 100 9.02 -27.70 -13.12
C LEU B 100 10.21 -26.78 -13.29
N GLY B 101 10.30 -25.78 -12.41
CA GLY B 101 11.49 -24.95 -12.31
C GLY B 101 12.20 -25.20 -11.01
N ILE B 102 13.51 -24.96 -10.99
CA ILE B 102 14.32 -25.19 -9.79
C ILE B 102 15.37 -24.07 -9.68
N TYR B 103 16.04 -24.01 -8.52
CA TYR B 103 16.93 -22.92 -8.20
C TYR B 103 18.32 -23.45 -7.88
N ALA B 104 19.34 -22.74 -8.35
CA ALA B 104 20.72 -23.01 -7.97
C ALA B 104 21.47 -21.69 -8.01
N ASP B 105 22.74 -21.73 -7.62
CA ASP B 105 23.54 -20.52 -7.50
C ASP B 105 24.92 -20.71 -8.11
N VAL B 106 25.37 -19.69 -8.85
CA VAL B 106 26.64 -19.74 -9.58
C VAL B 106 27.85 -19.81 -8.65
N GLY B 107 27.70 -19.32 -7.43
CA GLY B 107 28.81 -19.23 -6.47
C GLY B 107 28.92 -20.44 -5.58
N ASN B 108 29.55 -20.25 -4.42
CA ASN B 108 29.82 -21.35 -3.50
C ASN B 108 28.64 -21.73 -2.60
N LYS B 109 27.70 -20.79 -2.40
CA LYS B 109 26.46 -21.07 -1.68
C LYS B 109 25.27 -20.38 -2.36
N THR B 110 24.06 -20.84 -2.06
CA THR B 110 22.85 -20.11 -2.44
C THR B 110 22.74 -18.90 -1.53
N CYS B 111 21.89 -17.94 -1.88
CA CYS B 111 21.74 -16.74 -1.06
C CYS B 111 21.24 -17.06 0.35
N ALA B 112 20.48 -18.16 0.48
CA ALA B 112 20.05 -18.64 1.79
C ALA B 112 21.09 -19.52 2.49
N GLY B 113 22.22 -19.77 1.83
CA GLY B 113 23.36 -20.46 2.45
C GLY B 113 23.48 -21.95 2.16
N PHE B 114 22.68 -22.47 1.25
CA PHE B 114 22.75 -23.89 0.87
C PHE B 114 23.78 -24.09 -0.24
N PRO B 115 24.10 -25.36 -0.60
CA PRO B 115 25.22 -25.59 -1.52
C PRO B 115 25.15 -24.85 -2.86
N GLY B 116 26.23 -24.16 -3.20
CA GLY B 116 26.36 -23.52 -4.51
C GLY B 116 26.78 -24.52 -5.57
N SER B 117 26.72 -24.10 -6.84
CA SER B 117 27.08 -24.97 -7.96
C SER B 117 28.50 -24.77 -8.48
N PHE B 118 29.24 -23.80 -7.94
CA PHE B 118 30.62 -23.62 -8.35
C PHE B 118 31.40 -24.91 -8.12
N GLY B 119 32.16 -25.32 -9.14
CA GLY B 119 32.88 -26.60 -9.13
C GLY B 119 32.04 -27.79 -9.55
N TYR B 120 30.76 -27.55 -9.84
CA TYR B 120 29.80 -28.63 -10.06
C TYR B 120 28.78 -28.32 -11.16
N TYR B 121 29.14 -27.42 -12.09
CA TYR B 121 28.20 -26.94 -13.10
C TYR B 121 27.68 -28.07 -13.99
N ASP B 122 28.60 -28.89 -14.48
CA ASP B 122 28.25 -30.01 -15.36
C ASP B 122 27.40 -31.03 -14.62
N ILE B 123 27.84 -31.39 -13.42
CA ILE B 123 27.13 -32.37 -12.59
C ILE B 123 25.72 -31.89 -12.27
N ASP B 124 25.59 -30.64 -11.84
CA ASP B 124 24.30 -30.08 -11.47
C ASP B 124 23.37 -29.97 -12.67
N ALA B 125 23.91 -29.49 -13.79
CA ALA B 125 23.15 -29.41 -15.04
C ALA B 125 22.61 -30.79 -15.44
N GLN B 126 23.47 -31.81 -15.41
CA GLN B 126 23.03 -33.17 -15.74
C GLN B 126 22.04 -33.72 -14.73
N THR B 127 22.26 -33.42 -13.44
CA THR B 127 21.30 -33.81 -12.40
C THR B 127 19.91 -33.26 -12.71
N PHE B 128 19.84 -31.96 -13.02
CA PHE B 128 18.55 -31.32 -13.30
C PHE B 128 17.88 -31.90 -14.53
N ALA B 129 18.64 -32.08 -15.61
CA ALA B 129 18.10 -32.67 -16.84
C ALA B 129 17.63 -34.10 -16.60
N ASP B 130 18.42 -34.87 -15.89
CA ASP B 130 18.06 -36.24 -15.54
C ASP B 130 16.80 -36.28 -14.67
N TRP B 131 16.66 -35.32 -13.76
CA TRP B 131 15.43 -35.21 -12.96
C TRP B 131 14.19 -34.79 -13.77
N GLY B 132 14.40 -34.13 -14.89
CA GLY B 132 13.30 -33.63 -15.72
C GLY B 132 12.96 -32.17 -15.46
N VAL B 133 13.91 -31.42 -14.92
CA VAL B 133 13.73 -29.98 -14.70
C VAL B 133 13.57 -29.27 -16.04
N ASP B 134 12.67 -28.29 -16.08
CA ASP B 134 12.33 -27.56 -17.31
C ASP B 134 12.75 -26.09 -17.30
N LEU B 135 13.15 -25.60 -16.13
CA LEU B 135 13.57 -24.22 -15.95
C LEU B 135 14.57 -24.14 -14.81
N LEU B 136 15.59 -23.31 -14.97
CA LEU B 136 16.57 -23.11 -13.91
C LEU B 136 16.72 -21.62 -13.63
N LYS B 137 16.42 -21.21 -12.41
CA LYS B 137 16.76 -19.89 -11.94
C LYS B 137 18.14 -19.99 -11.31
N PHE B 138 19.09 -19.25 -11.86
CA PHE B 138 20.49 -19.37 -11.46
C PHE B 138 20.97 -18.07 -10.82
N ASP B 139 21.15 -18.11 -9.51
CA ASP B 139 21.37 -16.93 -8.70
C ASP B 139 22.88 -16.65 -8.55
N GLY B 140 23.22 -15.46 -8.06
CA GLY B 140 24.59 -14.96 -8.16
C GLY B 140 25.30 -14.66 -6.85
N CYS B 141 24.78 -15.16 -5.74
CA CYS B 141 25.39 -14.94 -4.42
C CYS B 141 26.69 -15.71 -4.23
N TYR B 142 27.50 -15.24 -3.27
CA TYR B 142 28.71 -15.93 -2.84
C TYR B 142 29.63 -16.30 -4.01
N CYS B 143 29.82 -15.32 -4.89
CA CYS B 143 30.75 -15.43 -6.01
C CYS B 143 31.81 -14.36 -5.82
N ASP B 144 33.08 -14.77 -5.75
CA ASP B 144 34.16 -13.89 -5.27
C ASP B 144 34.66 -12.82 -6.26
N SER B 145 34.19 -12.86 -7.50
CA SER B 145 34.57 -11.85 -8.49
C SER B 145 33.57 -11.82 -9.64
N LEU B 146 33.46 -10.67 -10.30
CA LEU B 146 32.55 -10.53 -11.44
C LEU B 146 33.01 -11.35 -12.65
N GLU B 147 34.30 -11.66 -12.72
CA GLU B 147 34.80 -12.53 -13.78
C GLU B 147 34.35 -13.97 -13.54
N ASN B 148 34.48 -14.45 -12.31
CA ASN B 148 33.94 -15.76 -11.94
C ASN B 148 32.42 -15.83 -12.10
N LEU B 149 31.75 -14.73 -11.81
CA LEU B 149 30.30 -14.63 -11.98
C LEU B 149 29.92 -14.88 -13.43
N ALA B 150 30.49 -14.08 -14.33
CA ALA B 150 30.19 -14.18 -15.76
C ALA B 150 30.58 -15.54 -16.33
N ASP B 151 31.81 -15.99 -16.02
CA ASP B 151 32.28 -17.30 -16.49
C ASP B 151 31.34 -18.42 -16.08
N GLY B 152 30.90 -18.40 -14.82
CA GLY B 152 29.99 -19.42 -14.31
C GLY B 152 28.65 -19.42 -15.01
N TYR B 153 28.06 -18.23 -15.19
CA TYR B 153 26.81 -18.10 -15.93
C TYR B 153 26.92 -18.65 -17.36
N LYS B 154 28.04 -18.38 -18.02
CA LYS B 154 28.30 -18.90 -19.37
C LYS B 154 28.52 -20.41 -19.36
N HIS B 155 29.31 -20.90 -18.41
CA HIS B 155 29.57 -22.34 -18.25
C HIS B 155 28.25 -23.10 -18.05
N MET B 156 27.42 -22.63 -17.12
CA MET B 156 26.15 -23.30 -16.83
C MET B 156 25.22 -23.31 -18.04
N SER B 157 25.21 -22.22 -18.79
CA SER B 157 24.43 -22.13 -20.02
C SER B 157 24.82 -23.24 -21.00
N LEU B 158 26.12 -23.40 -21.20
CA LEU B 158 26.64 -24.44 -22.09
C LEU B 158 26.41 -25.84 -21.52
N ALA B 159 26.53 -25.99 -20.20
CA ALA B 159 26.29 -27.27 -19.54
C ALA B 159 24.83 -27.72 -19.70
N LEU B 160 23.90 -26.80 -19.51
CA LEU B 160 22.48 -27.10 -19.71
C LEU B 160 22.24 -27.49 -21.16
N ASN B 161 22.88 -26.78 -22.08
CA ASN B 161 22.80 -27.07 -23.50
C ASN B 161 23.25 -28.48 -23.84
N ARG B 162 24.40 -28.88 -23.28
CA ARG B 162 24.98 -30.21 -23.51
C ARG B 162 24.07 -31.36 -23.09
N THR B 163 23.22 -31.12 -22.09
CA THR B 163 22.29 -32.15 -21.64
C THR B 163 21.33 -32.56 -22.74
N GLY B 164 21.06 -31.64 -23.67
CA GLY B 164 20.12 -31.87 -24.76
C GLY B 164 18.66 -31.67 -24.35
N ARG B 165 18.42 -31.37 -23.08
CA ARG B 165 17.07 -31.13 -22.60
C ARG B 165 16.73 -29.64 -22.72
N SER B 166 15.49 -29.36 -23.09
CA SER B 166 14.98 -27.99 -23.15
C SER B 166 14.79 -27.45 -21.74
N ILE B 167 15.64 -26.51 -21.35
CA ILE B 167 15.59 -25.91 -20.02
C ILE B 167 15.65 -24.38 -20.12
N VAL B 168 14.58 -23.72 -19.72
CA VAL B 168 14.56 -22.26 -19.67
C VAL B 168 15.61 -21.80 -18.65
N TYR B 169 16.48 -20.89 -19.07
CA TYR B 169 17.60 -20.47 -18.24
C TYR B 169 17.41 -19.01 -17.79
N SER B 170 17.21 -18.83 -16.49
CA SER B 170 16.96 -17.53 -15.88
C SER B 170 18.20 -17.10 -15.09
N CYS B 171 18.79 -15.97 -15.46
CA CYS B 171 20.07 -15.53 -14.90
C CYS B 171 19.95 -14.24 -14.10
N SER B 172 20.39 -14.25 -12.85
CA SER B 172 20.41 -13.03 -12.04
C SER B 172 21.68 -12.21 -12.31
N TRP B 173 22.50 -12.71 -13.24
CA TRP B 173 23.73 -12.09 -13.74
C TRP B 173 23.80 -10.54 -13.65
N PRO B 174 22.97 -9.81 -14.42
CA PRO B 174 23.17 -8.35 -14.40
C PRO B 174 22.83 -7.66 -13.08
N ALA B 175 21.97 -8.26 -12.27
CA ALA B 175 21.62 -7.71 -10.95
C ALA B 175 22.82 -7.60 -10.01
N TYR B 176 23.74 -8.56 -10.09
CA TYR B 176 24.95 -8.56 -9.24
C TYR B 176 26.09 -7.75 -9.86
N MET B 177 25.92 -7.36 -11.11
CA MET B 177 26.92 -6.62 -11.86
C MET B 177 26.71 -5.12 -11.74
N TRP B 178 25.45 -4.68 -11.89
CA TRP B 178 25.06 -3.26 -11.92
C TRP B 178 25.74 -2.32 -10.91
N PRO B 179 25.84 -2.73 -9.63
CA PRO B 179 26.54 -1.90 -8.64
C PRO B 179 28.00 -1.58 -8.97
N PHE B 180 28.67 -2.46 -9.72
CA PHE B 180 30.10 -2.32 -10.02
C PHE B 180 30.34 -1.90 -11.48
N GLN B 181 29.68 -2.58 -12.41
CA GLN B 181 29.88 -2.37 -13.84
C GLN B 181 28.56 -2.37 -14.60
N LYS B 182 28.55 -1.74 -15.77
CA LYS B 182 27.42 -1.84 -16.68
C LYS B 182 27.44 -3.22 -17.33
N PRO B 183 26.35 -3.98 -17.22
CA PRO B 183 26.34 -5.30 -17.87
C PRO B 183 26.35 -5.20 -19.39
N ASN B 184 26.90 -6.21 -20.05
CA ASN B 184 26.81 -6.35 -21.50
C ASN B 184 25.60 -7.23 -21.82
N TYR B 185 24.49 -6.58 -22.16
CA TYR B 185 23.24 -7.30 -22.41
C TYR B 185 23.26 -8.14 -23.68
N THR B 186 24.13 -7.77 -24.63
CA THR B 186 24.35 -8.58 -25.83
C THR B 186 24.95 -9.93 -25.45
N GLU B 187 25.91 -9.90 -24.54
CA GLU B 187 26.52 -11.11 -24.01
C GLU B 187 25.52 -11.91 -23.17
N ILE B 188 24.84 -11.23 -22.25
CA ILE B 188 23.86 -11.86 -21.37
C ILE B 188 22.75 -12.54 -22.16
N ARG B 189 22.25 -11.86 -23.19
CA ARG B 189 21.20 -12.41 -24.06
C ARG B 189 21.65 -13.68 -24.79
N GLN B 190 22.93 -13.74 -25.15
CA GLN B 190 23.48 -14.90 -25.85
C GLN B 190 23.34 -16.17 -25.03
N TYR B 191 23.45 -16.03 -23.71
CA TYR B 191 23.48 -17.17 -22.79
C TYR B 191 22.20 -17.39 -21.96
N CYS B 192 21.31 -16.40 -21.88
CA CYS B 192 20.15 -16.48 -20.97
C CYS B 192 18.80 -16.22 -21.65
N ASN B 193 17.75 -16.88 -21.15
CA ASN B 193 16.38 -16.66 -21.63
C ASN B 193 15.73 -15.45 -20.96
N HIS B 194 16.06 -15.22 -19.70
CA HIS B 194 15.75 -13.96 -19.04
C HIS B 194 16.69 -13.68 -17.89
N TRP B 195 16.70 -12.42 -17.45
CA TRP B 195 17.68 -11.96 -16.49
C TRP B 195 17.11 -10.93 -15.52
N ARG B 196 17.29 -11.19 -14.23
CA ARG B 196 16.91 -10.26 -13.18
C ARG B 196 17.89 -9.09 -13.21
N ASN B 197 17.34 -7.87 -13.29
CA ASN B 197 18.15 -6.66 -13.41
C ASN B 197 18.40 -5.93 -12.09
N PHE B 198 17.47 -6.06 -11.14
CA PHE B 198 17.40 -5.12 -10.00
C PHE B 198 17.02 -5.86 -8.70
N ALA B 199 16.89 -5.10 -7.61
CA ALA B 199 16.66 -5.65 -6.28
C ALA B 199 15.41 -6.50 -6.18
N ASP B 200 15.38 -7.39 -5.19
CA ASP B 200 14.25 -8.27 -4.96
C ASP B 200 12.99 -7.47 -4.67
N ILE B 201 11.90 -7.83 -5.33
CA ILE B 201 10.60 -7.26 -5.03
C ILE B 201 10.16 -7.73 -3.64
N ASP B 202 9.34 -6.91 -2.99
CA ASP B 202 8.64 -7.38 -1.79
C ASP B 202 7.17 -7.00 -1.89
N ASP B 203 6.41 -7.26 -0.83
CA ASP B 203 4.98 -7.04 -0.85
C ASP B 203 4.64 -5.59 -0.48
N SER B 204 5.03 -4.66 -1.35
CA SER B 204 4.79 -3.24 -1.09
C SER B 204 4.75 -2.40 -2.36
N TRP B 205 4.02 -1.30 -2.28
CA TRP B 205 3.94 -0.31 -3.34
C TRP B 205 5.29 0.38 -3.55
N LYS B 206 6.01 0.64 -2.46
CA LYS B 206 7.35 1.23 -2.53
C LYS B 206 8.27 0.41 -3.43
N SER B 207 8.29 -0.91 -3.20
CA SER B 207 9.11 -1.81 -3.99
C SER B 207 8.76 -1.73 -5.47
N ILE B 208 7.46 -1.73 -5.77
CA ILE B 208 7.00 -1.66 -7.15
C ILE B 208 7.41 -0.35 -7.82
N LYS B 209 7.29 0.76 -7.08
CA LYS B 209 7.72 2.07 -7.59
C LYS B 209 9.22 2.10 -7.88
N SER B 210 10.02 1.50 -7.02
CA SER B 210 11.47 1.51 -7.21
C SER B 210 11.86 0.70 -8.45
N ILE B 211 11.16 -0.41 -8.70
CA ILE B 211 11.42 -1.25 -9.86
C ILE B 211 11.07 -0.49 -11.16
N LEU B 212 9.92 0.17 -11.16
CA LEU B 212 9.51 0.96 -12.32
C LEU B 212 10.45 2.13 -12.56
N ASP B 213 10.78 2.84 -11.49
CA ASP B 213 11.67 3.99 -11.57
C ASP B 213 13.08 3.60 -12.02
N TRP B 214 13.58 2.48 -11.53
CA TRP B 214 14.87 1.98 -11.98
C TRP B 214 14.82 1.61 -13.45
N THR B 215 13.72 0.98 -13.86
CA THR B 215 13.56 0.51 -15.24
C THR B 215 13.46 1.69 -16.20
N SER B 216 12.63 2.67 -15.88
CA SER B 216 12.47 3.85 -16.73
C SER B 216 13.74 4.70 -16.76
N PHE B 217 14.43 4.80 -15.63
CA PHE B 217 15.71 5.53 -15.60
C PHE B 217 16.74 4.89 -16.52
N ASN B 218 16.77 3.55 -16.54
CA ASN B 218 17.77 2.79 -17.30
C ASN B 218 17.23 2.20 -18.60
N GLN B 219 16.12 2.73 -19.11
CA GLN B 219 15.43 2.08 -20.23
C GLN B 219 16.21 2.11 -21.54
N GLU B 220 17.06 3.12 -21.75
CA GLU B 220 17.87 3.17 -22.97
C GLU B 220 18.91 2.05 -23.02
N ARG B 221 19.30 1.53 -21.86
CA ARG B 221 20.26 0.42 -21.80
C ARG B 221 19.63 -0.97 -21.98
N ILE B 222 18.37 -1.13 -21.58
CA ILE B 222 17.78 -2.47 -21.46
C ILE B 222 16.59 -2.79 -22.37
N VAL B 223 15.86 -1.79 -22.83
CA VAL B 223 14.60 -2.04 -23.56
C VAL B 223 14.82 -2.76 -24.90
N ASP B 224 15.76 -2.26 -25.70
CA ASP B 224 15.96 -2.78 -27.06
C ASP B 224 16.59 -4.16 -27.11
N VAL B 225 17.29 -4.54 -26.06
CA VAL B 225 17.92 -5.86 -26.00
C VAL B 225 16.89 -6.98 -25.83
N ALA B 226 15.76 -6.66 -25.21
CA ALA B 226 14.71 -7.64 -24.96
C ALA B 226 13.98 -8.02 -26.25
N GLY B 227 13.50 -9.25 -26.30
CA GLY B 227 12.89 -9.81 -27.50
C GLY B 227 12.72 -11.31 -27.35
N PRO B 228 12.03 -11.96 -28.31
CA PRO B 228 11.80 -13.40 -28.24
C PRO B 228 13.07 -14.17 -27.88
N GLY B 229 13.01 -14.95 -26.79
CA GLY B 229 14.15 -15.74 -26.33
C GLY B 229 15.01 -15.11 -25.25
N GLY B 230 14.78 -13.83 -24.96
CA GLY B 230 15.63 -13.08 -24.02
C GLY B 230 14.91 -11.87 -23.43
N TRP B 231 14.52 -11.95 -22.17
CA TRP B 231 13.69 -10.91 -21.55
C TRP B 231 14.33 -10.28 -20.32
N ASN B 232 14.03 -8.99 -20.12
CA ASN B 232 14.29 -8.34 -18.85
C ASN B 232 13.31 -8.87 -17.79
N ASP B 233 13.82 -9.17 -16.61
CA ASP B 233 12.98 -9.68 -15.51
C ASP B 233 12.99 -8.68 -14.36
N PRO B 234 11.86 -7.97 -14.17
CA PRO B 234 11.72 -7.03 -13.06
C PRO B 234 11.22 -7.69 -11.76
N ASP B 235 11.15 -9.02 -11.77
CA ASP B 235 10.83 -9.85 -10.59
C ASP B 235 9.34 -10.18 -10.53
N MET B 236 8.94 -10.85 -9.45
CA MET B 236 7.67 -11.55 -9.35
C MET B 236 6.44 -10.64 -9.28
N LEU B 237 5.32 -11.15 -9.77
CA LEU B 237 4.02 -10.55 -9.48
C LEU B 237 3.70 -10.86 -8.03
N VAL B 238 3.37 -9.83 -7.25
CA VAL B 238 3.03 -9.99 -5.84
C VAL B 238 1.53 -9.71 -5.60
N ILE B 239 0.76 -9.70 -6.69
CA ILE B 239 -0.68 -9.51 -6.64
C ILE B 239 -1.30 -10.67 -5.85
N GLY B 240 -2.27 -10.35 -5.00
CA GLY B 240 -3.00 -11.35 -4.22
C GLY B 240 -2.44 -11.65 -2.85
N ASN B 241 -1.40 -10.92 -2.46
CA ASN B 241 -0.84 -11.04 -1.11
C ASN B 241 -1.40 -9.95 -0.18
N PHE B 242 -0.56 -9.24 0.58
CA PHE B 242 -1.03 -8.46 1.73
C PHE B 242 -0.79 -6.95 1.67
N GLY B 243 0.21 -6.51 0.91
CA GLY B 243 0.73 -5.16 1.03
C GLY B 243 0.31 -4.15 -0.02
N LEU B 244 -0.48 -4.60 -1.00
CA LEU B 244 -0.88 -3.74 -2.12
C LEU B 244 -2.37 -3.47 -2.12
N SER B 245 -2.73 -2.20 -2.31
CA SER B 245 -4.12 -1.82 -2.56
C SER B 245 -4.54 -2.40 -3.90
N TRP B 246 -5.84 -2.41 -4.16
CA TRP B 246 -6.34 -2.88 -5.44
C TRP B 246 -5.71 -2.10 -6.61
N ASN B 247 -5.64 -0.79 -6.46
CA ASN B 247 -5.07 0.07 -7.50
C ASN B 247 -3.61 -0.22 -7.78
N GLN B 248 -2.84 -0.47 -6.73
CA GLN B 248 -1.42 -0.80 -6.88
C GLN B 248 -1.22 -2.18 -7.54
N GLN B 249 -2.15 -3.10 -7.28
CA GLN B 249 -2.15 -4.40 -7.95
C GLN B 249 -2.46 -4.27 -9.45
N VAL B 250 -3.41 -3.42 -9.80
CA VAL B 250 -3.69 -3.14 -11.20
C VAL B 250 -2.46 -2.51 -11.86
N THR B 251 -1.78 -1.61 -11.15
CA THR B 251 -0.56 -0.99 -11.67
C THR B 251 0.51 -2.04 -11.99
N GLN B 252 0.73 -3.01 -11.11
CA GLN B 252 1.76 -4.02 -11.39
C GLN B 252 1.39 -4.86 -12.58
N MET B 253 0.14 -5.31 -12.66
CA MET B 253 -0.25 -6.16 -13.76
C MET B 253 -0.07 -5.42 -15.09
N ALA B 254 -0.59 -4.19 -15.17
CA ALA B 254 -0.48 -3.36 -16.38
C ALA B 254 0.97 -3.13 -16.81
N LEU B 255 1.82 -2.74 -15.86
CA LEU B 255 3.20 -2.39 -16.20
C LEU B 255 4.09 -3.61 -16.48
N TRP B 256 3.80 -4.75 -15.87
CA TRP B 256 4.50 -5.98 -16.21
C TRP B 256 4.13 -6.44 -17.63
N ALA B 257 2.91 -6.12 -18.07
CA ALA B 257 2.48 -6.41 -19.44
C ALA B 257 3.23 -5.51 -20.43
N ILE B 258 3.27 -4.22 -20.12
CA ILE B 258 3.99 -3.22 -20.90
C ILE B 258 5.48 -3.54 -21.03
N MET B 259 6.07 -4.06 -19.96
CA MET B 259 7.52 -4.30 -19.90
C MET B 259 7.94 -5.63 -20.53
N ALA B 260 6.99 -6.41 -21.05
CA ALA B 260 7.28 -7.74 -21.59
C ALA B 260 8.04 -8.58 -20.57
N ALA B 261 7.62 -8.48 -19.31
CA ALA B 261 8.28 -9.18 -18.22
C ALA B 261 7.78 -10.63 -18.15
N PRO B 262 8.66 -11.56 -17.71
CA PRO B 262 8.15 -12.86 -17.30
C PRO B 262 7.12 -12.65 -16.20
N LEU B 263 6.05 -13.43 -16.21
CA LEU B 263 4.99 -13.30 -15.22
C LEU B 263 5.03 -14.49 -14.25
N PHE B 264 5.83 -14.33 -13.21
CA PHE B 264 5.95 -15.33 -12.15
C PHE B 264 5.17 -14.88 -10.93
N MET B 265 3.98 -15.45 -10.75
CA MET B 265 3.20 -15.23 -9.55
C MET B 265 3.97 -15.73 -8.34
N SER B 266 3.94 -14.95 -7.26
CA SER B 266 4.35 -15.44 -5.95
C SER B 266 3.26 -15.08 -4.96
N ASN B 267 2.40 -16.05 -4.69
CA ASN B 267 1.25 -15.89 -3.83
C ASN B 267 0.84 -17.26 -3.31
N ASP B 268 -0.25 -17.31 -2.56
CA ASP B 268 -0.81 -18.57 -2.12
C ASP B 268 -2.05 -18.86 -2.95
N LEU B 269 -1.92 -19.78 -3.91
CA LEU B 269 -3.04 -20.13 -4.80
C LEU B 269 -4.19 -20.81 -4.05
N ARG B 270 -3.93 -21.29 -2.84
CA ARG B 270 -4.96 -21.88 -2.00
C ARG B 270 -5.84 -20.79 -1.37
N HIS B 271 -5.26 -19.62 -1.12
CA HIS B 271 -5.97 -18.51 -0.48
C HIS B 271 -5.72 -17.21 -1.24
N ILE B 272 -6.49 -17.00 -2.31
CA ILE B 272 -6.35 -15.82 -3.15
C ILE B 272 -7.74 -15.29 -3.49
N SER B 273 -7.90 -13.97 -3.42
CA SER B 273 -9.21 -13.35 -3.64
C SER B 273 -9.69 -13.55 -5.08
N PRO B 274 -11.01 -13.56 -5.29
CA PRO B 274 -11.58 -13.61 -6.65
C PRO B 274 -11.09 -12.47 -7.54
N GLN B 275 -10.95 -11.27 -6.95
CA GLN B 275 -10.54 -10.08 -7.70
C GLN B 275 -9.06 -10.17 -8.12
N ALA B 276 -8.21 -10.68 -7.23
CA ALA B 276 -6.80 -10.88 -7.54
C ALA B 276 -6.64 -11.96 -8.62
N LYS B 277 -7.44 -13.02 -8.51
CA LYS B 277 -7.46 -14.08 -9.52
C LYS B 277 -7.84 -13.53 -10.89
N ALA B 278 -8.89 -12.71 -10.93
CA ALA B 278 -9.39 -12.15 -12.19
C ALA B 278 -8.35 -11.27 -12.88
N LEU B 279 -7.65 -10.44 -12.10
CA LEU B 279 -6.61 -9.57 -12.63
C LEU B 279 -5.46 -10.39 -13.22
N LEU B 280 -4.98 -11.37 -12.46
CA LEU B 280 -3.86 -12.21 -12.87
C LEU B 280 -4.19 -13.11 -14.07
N GLN B 281 -5.46 -13.43 -14.25
CA GLN B 281 -5.90 -14.26 -15.38
C GLN B 281 -6.51 -13.44 -16.51
N ASP B 282 -6.43 -12.11 -16.42
CA ASP B 282 -7.01 -11.22 -17.42
C ASP B 282 -6.43 -11.52 -18.79
N LYS B 283 -7.25 -12.10 -19.67
CA LYS B 283 -6.77 -12.59 -20.95
C LYS B 283 -6.26 -11.48 -21.86
N ASP B 284 -6.90 -10.31 -21.80
CA ASP B 284 -6.52 -9.18 -22.65
C ASP B 284 -5.17 -8.59 -22.22
N VAL B 285 -4.93 -8.55 -20.91
CA VAL B 285 -3.65 -8.01 -20.40
C VAL B 285 -2.52 -9.02 -20.64
N ILE B 286 -2.79 -10.29 -20.33
CA ILE B 286 -1.85 -11.37 -20.64
C ILE B 286 -1.48 -11.38 -22.12
N ALA B 287 -2.48 -11.16 -22.99
CA ALA B 287 -2.25 -11.09 -24.43
C ALA B 287 -1.25 -9.99 -24.80
N ILE B 288 -1.31 -8.86 -24.09
CA ILE B 288 -0.32 -7.81 -24.28
C ILE B 288 1.07 -8.28 -23.84
N ASN B 289 1.18 -8.84 -22.64
CA ASN B 289 2.44 -9.42 -22.16
C ASN B 289 3.00 -10.45 -23.13
N GLN B 290 2.12 -11.32 -23.63
CA GLN B 290 2.50 -12.43 -24.50
C GLN B 290 2.58 -12.07 -26.00
N ASP B 291 2.44 -10.80 -26.34
CA ASP B 291 2.41 -10.38 -27.74
C ASP B 291 3.58 -10.97 -28.53
N PRO B 292 3.29 -11.62 -29.68
CA PRO B 292 4.35 -12.35 -30.38
C PRO B 292 5.49 -11.48 -30.91
N LEU B 293 5.24 -10.20 -31.17
CA LEU B 293 6.30 -9.29 -31.63
C LEU B 293 7.41 -9.18 -30.57
N GLY B 294 7.04 -9.19 -29.30
CA GLY B 294 8.02 -9.23 -28.21
C GLY B 294 8.90 -8.00 -28.11
N LYS B 295 8.36 -6.82 -28.42
CA LYS B 295 9.08 -5.57 -28.23
C LYS B 295 8.74 -5.02 -26.85
N GLN B 296 9.75 -4.81 -26.02
CA GLN B 296 9.52 -4.29 -24.68
C GLN B 296 9.04 -2.84 -24.77
N GLY B 297 8.08 -2.49 -23.92
CA GLY B 297 7.59 -1.13 -23.82
C GLY B 297 8.54 -0.25 -23.04
N TYR B 298 8.12 0.99 -22.79
CA TYR B 298 9.00 2.00 -22.18
C TYR B 298 8.18 3.18 -21.68
N GLN B 299 8.81 4.01 -20.86
CA GLN B 299 8.18 5.23 -20.39
C GLN B 299 8.30 6.27 -21.49
N LEU B 300 7.15 6.78 -21.93
CA LEU B 300 7.08 7.81 -22.97
C LEU B 300 7.29 9.19 -22.38
N ARG B 301 6.67 9.45 -21.24
CA ARG B 301 6.86 10.71 -20.53
C ARG B 301 6.47 10.63 -19.07
N GLN B 302 7.03 11.53 -18.26
CA GLN B 302 6.63 11.69 -16.87
C GLN B 302 6.53 13.18 -16.53
N GLY B 303 5.62 13.52 -15.63
CA GLY B 303 5.41 14.90 -15.23
C GLY B 303 4.12 15.08 -14.47
N ASP B 304 4.11 16.04 -13.54
CA ASP B 304 2.94 16.34 -12.72
C ASP B 304 2.41 15.10 -12.00
N ASN B 305 3.35 14.27 -11.50
CA ASN B 305 3.03 13.00 -10.87
C ASN B 305 2.18 12.05 -11.73
N PHE B 306 2.32 12.16 -13.05
CA PHE B 306 1.77 11.18 -13.97
C PHE B 306 2.92 10.53 -14.71
N GLU B 307 2.69 9.31 -15.19
CA GLU B 307 3.60 8.65 -16.13
C GLU B 307 2.78 8.07 -17.25
N VAL B 308 3.32 8.15 -18.47
CA VAL B 308 2.75 7.46 -19.61
C VAL B 308 3.80 6.49 -20.15
N TRP B 309 3.43 5.21 -20.19
CA TRP B 309 4.25 4.17 -20.78
C TRP B 309 3.52 3.63 -21.99
N GLU B 310 4.26 3.11 -22.96
CA GLU B 310 3.65 2.47 -24.12
C GLU B 310 4.47 1.27 -24.60
N ARG B 311 3.79 0.37 -25.32
CA ARG B 311 4.45 -0.79 -25.90
C ARG B 311 3.89 -1.08 -27.29
N PRO B 312 4.78 -1.18 -28.30
CA PRO B 312 4.33 -1.59 -29.63
C PRO B 312 4.00 -3.07 -29.68
N LEU B 313 2.88 -3.39 -30.32
CA LEU B 313 2.40 -4.74 -30.44
C LEU B 313 2.39 -5.13 -31.91
N SER B 314 2.27 -6.43 -32.17
CA SER B 314 2.06 -6.92 -33.53
C SER B 314 0.74 -6.39 -34.09
N GLY B 315 0.65 -6.33 -35.42
CA GLY B 315 -0.55 -5.85 -36.10
C GLY B 315 -0.79 -4.36 -35.92
N LEU B 316 0.30 -3.59 -35.86
CA LEU B 316 0.25 -2.13 -35.70
C LEU B 316 -0.51 -1.66 -34.46
N ALA B 317 -0.63 -2.52 -33.46
CA ALA B 317 -1.37 -2.19 -32.24
C ALA B 317 -0.40 -1.64 -31.21
N TRP B 318 -0.94 -0.90 -30.24
CA TRP B 318 -0.13 -0.35 -29.15
C TRP B 318 -0.86 -0.53 -27.82
N ALA B 319 -0.10 -0.78 -26.76
CA ALA B 319 -0.61 -0.77 -25.41
C ALA B 319 -0.07 0.49 -24.74
N VAL B 320 -0.96 1.20 -24.04
CA VAL B 320 -0.61 2.46 -23.38
C VAL B 320 -1.08 2.42 -21.92
N ALA B 321 -0.15 2.68 -21.01
CA ALA B 321 -0.42 2.72 -19.58
C ALA B 321 -0.20 4.13 -19.07
N MET B 322 -1.18 4.64 -18.31
CA MET B 322 -1.07 5.94 -17.66
C MET B 322 -1.18 5.75 -16.16
N ILE B 323 -0.11 6.09 -15.44
CA ILE B 323 -0.04 5.87 -14.00
C ILE B 323 -0.18 7.18 -13.25
N ASN B 324 -1.03 7.21 -12.21
CA ASN B 324 -1.13 8.37 -11.33
C ASN B 324 -0.30 8.12 -10.08
N ARG B 325 0.81 8.86 -9.97
CA ARG B 325 1.76 8.69 -8.87
C ARG B 325 1.50 9.65 -7.69
N GLN B 326 0.48 10.49 -7.78
CA GLN B 326 0.12 11.36 -6.67
C GLN B 326 -0.68 10.52 -5.67
N GLU B 327 -0.17 10.41 -4.45
CA GLU B 327 -0.74 9.51 -3.44
C GLU B 327 -1.59 10.25 -2.41
N ILE B 328 -2.37 11.21 -2.91
CA ILE B 328 -3.28 11.99 -2.10
C ILE B 328 -4.41 12.46 -3.02
N GLY B 329 -5.59 12.67 -2.44
CA GLY B 329 -6.74 13.15 -3.20
C GLY B 329 -7.50 12.01 -3.84
N GLY B 330 -8.23 12.34 -4.91
CA GLY B 330 -9.07 11.37 -5.63
C GLY B 330 -8.57 11.12 -7.03
N PRO B 331 -9.40 10.47 -7.87
CA PRO B 331 -9.09 10.26 -9.28
C PRO B 331 -8.73 11.57 -9.97
N ARG B 332 -7.63 11.56 -10.71
CA ARG B 332 -7.07 12.78 -11.28
C ARG B 332 -7.16 12.67 -12.80
N SER B 333 -7.60 13.74 -13.46
CA SER B 333 -7.82 13.69 -14.91
C SER B 333 -6.50 13.86 -15.65
N TYR B 334 -6.33 13.09 -16.72
CA TYR B 334 -5.14 13.19 -17.55
C TYR B 334 -5.56 13.22 -19.00
N THR B 335 -5.06 14.21 -19.74
CA THR B 335 -5.38 14.37 -21.14
C THR B 335 -4.09 14.29 -21.96
N ILE B 336 -4.08 13.37 -22.92
CA ILE B 336 -2.96 13.22 -23.84
C ILE B 336 -3.46 13.26 -25.28
N ALA B 337 -2.70 13.92 -26.14
CA ALA B 337 -2.97 13.91 -27.58
C ALA B 337 -2.50 12.57 -28.13
N VAL B 338 -3.42 11.85 -28.78
CA VAL B 338 -3.10 10.53 -29.34
C VAL B 338 -1.99 10.60 -30.38
N ALA B 339 -1.79 11.78 -30.98
CA ALA B 339 -0.67 11.99 -31.90
C ALA B 339 0.69 11.78 -31.24
N SER B 340 0.75 11.92 -29.91
CA SER B 340 1.99 11.69 -29.17
C SER B 340 2.29 10.21 -28.99
N LEU B 341 1.28 9.36 -29.17
CA LEU B 341 1.40 7.93 -28.94
C LEU B 341 1.93 7.18 -30.16
N GLY B 342 2.71 6.14 -29.90
CA GLY B 342 3.19 5.25 -30.95
C GLY B 342 4.08 5.92 -31.99
N LYS B 343 4.90 6.87 -31.55
CA LYS B 343 5.78 7.64 -32.43
C LYS B 343 4.99 8.38 -33.52
N GLY B 344 3.73 8.71 -33.22
CA GLY B 344 2.88 9.43 -34.16
C GLY B 344 2.13 8.58 -35.17
N VAL B 345 2.41 7.28 -35.23
CA VAL B 345 1.79 6.41 -36.23
C VAL B 345 0.68 5.51 -35.68
N ALA B 346 0.60 5.37 -34.35
CA ALA B 346 -0.43 4.55 -33.70
C ALA B 346 -1.82 4.92 -34.16
N CYS B 347 -2.11 6.23 -34.19
CA CYS B 347 -3.43 6.72 -34.54
C CYS B 347 -3.42 7.57 -35.82
N ASN B 348 -2.53 7.21 -36.75
CA ASN B 348 -2.46 7.81 -38.07
C ASN B 348 -3.01 6.84 -39.11
N PRO B 349 -4.14 7.17 -39.77
CA PRO B 349 -4.95 8.39 -39.66
C PRO B 349 -5.87 8.38 -38.45
N ALA B 350 -6.15 7.20 -37.91
CA ALA B 350 -7.00 7.06 -36.74
C ALA B 350 -6.73 5.73 -36.04
N CYS B 351 -7.33 5.57 -34.86
CA CYS B 351 -7.21 4.34 -34.10
C CYS B 351 -8.46 4.08 -33.29
N PHE B 352 -8.73 2.82 -33.00
CA PHE B 352 -9.79 2.43 -32.07
C PHE B 352 -9.16 2.11 -30.72
N ILE B 353 -9.67 2.75 -29.67
CA ILE B 353 -9.11 2.62 -28.34
C ILE B 353 -10.04 1.84 -27.41
N THR B 354 -9.49 0.82 -26.75
CA THR B 354 -10.20 0.05 -25.74
C THR B 354 -9.45 0.15 -24.42
N GLN B 355 -10.13 0.59 -23.36
CA GLN B 355 -9.57 0.54 -22.02
C GLN B 355 -9.64 -0.90 -21.54
N LEU B 356 -8.55 -1.39 -20.96
CA LEU B 356 -8.50 -2.75 -20.44
C LEU B 356 -8.49 -2.79 -18.92
N LEU B 357 -7.76 -1.86 -18.31
CA LEU B 357 -7.73 -1.73 -16.85
C LEU B 357 -8.01 -0.28 -16.47
N PRO B 358 -8.66 -0.04 -15.31
CA PRO B 358 -9.09 -1.01 -14.30
C PRO B 358 -10.34 -1.82 -14.68
N VAL B 359 -11.11 -1.34 -15.65
CA VAL B 359 -12.25 -2.08 -16.19
C VAL B 359 -12.20 -2.07 -17.71
N LYS B 360 -12.68 -3.14 -18.34
CA LYS B 360 -12.69 -3.21 -19.79
C LYS B 360 -13.82 -2.37 -20.36
N ARG B 361 -13.50 -1.51 -21.32
CA ARG B 361 -14.50 -0.63 -21.93
C ARG B 361 -13.99 -0.08 -23.26
N LYS B 362 -14.82 -0.18 -24.29
CA LYS B 362 -14.51 0.40 -25.61
C LYS B 362 -14.72 1.91 -25.56
N LEU B 363 -13.74 2.66 -26.07
CA LEU B 363 -13.79 4.13 -26.03
C LEU B 363 -14.03 4.76 -27.40
N GLY B 364 -14.12 3.94 -28.44
CA GLY B 364 -14.43 4.42 -29.79
C GLY B 364 -13.21 4.77 -30.62
N PHE B 365 -13.45 5.39 -31.76
CA PHE B 365 -12.39 5.78 -32.69
C PHE B 365 -11.82 7.14 -32.32
N TYR B 366 -10.55 7.35 -32.66
CA TYR B 366 -9.83 8.58 -32.35
C TYR B 366 -8.99 9.00 -33.56
N GLU B 367 -9.25 10.19 -34.08
CA GLU B 367 -8.49 10.72 -35.22
C GLU B 367 -7.11 11.16 -34.75
N TRP B 368 -6.18 11.29 -35.69
CA TRP B 368 -4.79 11.61 -35.36
C TRP B 368 -4.65 12.89 -34.51
N THR B 369 -5.51 13.88 -34.76
CA THR B 369 -5.44 15.16 -34.04
C THR B 369 -6.24 15.20 -32.73
N SER B 370 -6.93 14.11 -32.40
CA SER B 370 -7.80 14.07 -31.23
C SER B 370 -7.03 13.89 -29.93
N ARG B 371 -7.75 14.09 -28.82
CA ARG B 371 -7.19 13.96 -27.48
C ARG B 371 -7.97 12.96 -26.64
N LEU B 372 -7.26 12.23 -25.79
CA LEU B 372 -7.86 11.24 -24.90
C LEU B 372 -7.77 11.74 -23.46
N ARG B 373 -8.93 11.78 -22.80
CA ARG B 373 -9.03 12.19 -21.40
C ARG B 373 -9.40 10.98 -20.56
N SER B 374 -8.64 10.75 -19.48
CA SER B 374 -8.92 9.65 -18.56
C SER B 374 -8.83 10.16 -17.12
N HIS B 375 -9.52 9.47 -16.21
CA HIS B 375 -9.39 9.72 -14.79
C HIS B 375 -8.69 8.52 -14.16
N ILE B 376 -7.62 8.80 -13.42
CA ILE B 376 -6.74 7.75 -12.90
C ILE B 376 -6.69 7.85 -11.37
N ASN B 377 -7.00 6.73 -10.71
CA ASN B 377 -6.94 6.67 -9.24
C ASN B 377 -5.52 6.84 -8.73
N PRO B 378 -5.35 7.44 -7.53
CA PRO B 378 -4.03 7.54 -6.90
C PRO B 378 -3.35 6.17 -6.77
N THR B 379 -2.13 6.05 -7.28
CA THR B 379 -1.37 4.78 -7.35
C THR B 379 -1.98 3.76 -8.33
N GLY B 380 -3.03 4.16 -9.05
CA GLY B 380 -3.68 3.30 -10.03
C GLY B 380 -3.11 3.55 -11.40
N THR B 381 -3.57 2.75 -12.37
CA THR B 381 -3.14 2.85 -13.75
C THR B 381 -4.35 2.61 -14.65
N VAL B 382 -4.45 3.36 -15.75
CA VAL B 382 -5.38 3.05 -16.83
C VAL B 382 -4.57 2.40 -17.97
N LEU B 383 -5.01 1.23 -18.42
CA LEU B 383 -4.35 0.53 -19.52
C LEU B 383 -5.26 0.53 -20.74
N LEU B 384 -4.73 1.03 -21.84
CA LEU B 384 -5.46 1.12 -23.10
C LEU B 384 -4.77 0.28 -24.16
N GLN B 385 -5.56 -0.20 -25.12
CA GLN B 385 -5.02 -0.81 -26.31
C GLN B 385 -5.50 -0.04 -27.53
N LEU B 386 -4.57 0.37 -28.39
CA LEU B 386 -4.84 1.14 -29.58
C LEU B 386 -4.75 0.25 -30.81
N GLU B 387 -5.77 0.29 -31.67
CA GLU B 387 -5.76 -0.45 -32.92
C GLU B 387 -5.80 0.56 -34.06
N ASN B 388 -4.79 0.53 -34.93
CA ASN B 388 -4.73 1.44 -36.07
C ASN B 388 -5.81 1.07 -37.09
N THR B 389 -6.32 2.07 -37.81
CA THR B 389 -7.45 1.89 -38.72
C THR B 389 -7.10 1.47 -40.16
N MET B 390 -5.80 1.38 -40.48
CA MET B 390 -5.37 1.00 -41.83
C MET B 390 -5.54 -0.50 -42.07
#